data_2M1C
#
_entry.id   2M1C
#
_entity_poly.entity_id   1
_entity_poly.type   'polypeptide(L)'
_entity_poly.pdbx_seq_one_letter_code
;RGSHMRSLHKELQQYISNLSYRVKKVSEEALMQMPIGILLLDEEDKIEWSNRFLAACFKEQTLIGRSLAELSEPLAAFVK
KGKTDEEIIELNGKQLKVIVHRHERLLYFFDVT
;
_entity_poly.pdbx_strand_id   A,B
#
# COMPACT_ATOMS: atom_id res chain seq x y z
N ARG A 1 -8.65 0.47 23.33
CA ARG A 1 -9.85 -0.17 23.94
C ARG A 1 -10.74 -0.77 22.86
N GLY A 2 -11.02 0.00 21.81
CA GLY A 2 -11.84 -0.49 20.73
C GLY A 2 -10.99 -1.08 19.63
N SER A 3 -10.67 -2.36 19.77
CA SER A 3 -9.84 -3.05 18.80
C SER A 3 -10.57 -3.23 17.48
N HIS A 4 -10.16 -2.45 16.48
CA HIS A 4 -10.76 -2.53 15.16
C HIS A 4 -10.27 -3.76 14.44
N MET A 5 -8.99 -4.06 14.60
CA MET A 5 -8.39 -5.22 13.96
C MET A 5 -9.09 -6.51 14.40
N ARG A 6 -9.59 -6.53 15.63
CA ARG A 6 -10.27 -7.71 16.15
C ARG A 6 -11.78 -7.47 16.24
N SER A 7 -12.25 -6.39 15.66
CA SER A 7 -13.66 -6.07 15.68
C SER A 7 -14.39 -6.72 14.50
N LEU A 8 -13.64 -7.01 13.43
CA LEU A 8 -14.23 -7.60 12.24
C LEU A 8 -13.68 -9.00 11.96
N HIS A 9 -12.40 -9.19 12.27
CA HIS A 9 -11.69 -10.46 12.05
C HIS A 9 -11.46 -10.70 10.55
N LYS A 10 -12.55 -10.94 9.81
CA LYS A 10 -12.49 -11.20 8.36
C LYS A 10 -11.67 -10.13 7.63
N GLU A 11 -11.86 -8.87 8.02
CA GLU A 11 -11.15 -7.75 7.42
C GLU A 11 -9.64 -8.00 7.40
N LEU A 12 -9.08 -8.28 8.57
CA LEU A 12 -7.65 -8.52 8.68
C LEU A 12 -7.29 -9.91 8.14
N GLN A 13 -8.15 -10.90 8.41
CA GLN A 13 -7.91 -12.28 7.97
C GLN A 13 -7.85 -12.37 6.44
N GLN A 14 -8.50 -11.42 5.76
CA GLN A 14 -8.52 -11.39 4.31
C GLN A 14 -7.18 -10.93 3.77
N TYR A 15 -6.69 -9.81 4.29
CA TYR A 15 -5.42 -9.23 3.85
C TYR A 15 -4.22 -10.14 4.15
N ILE A 16 -4.28 -10.82 5.29
CA ILE A 16 -3.19 -11.72 5.75
C ILE A 16 -3.22 -13.10 5.09
N SER A 17 -3.42 -13.14 3.79
CA SER A 17 -3.45 -14.39 3.06
C SER A 17 -2.16 -14.58 2.26
N ASN A 18 -2.03 -13.76 1.22
CA ASN A 18 -0.85 -13.74 0.34
C ASN A 18 0.48 -13.85 1.12
N LEU A 19 0.53 -13.27 2.31
CA LEU A 19 1.74 -13.31 3.12
C LEU A 19 1.60 -14.28 4.29
N SER A 20 2.71 -14.89 4.66
CA SER A 20 2.75 -15.84 5.76
C SER A 20 2.57 -15.14 7.11
N TYR A 21 1.75 -15.73 7.97
CA TYR A 21 1.49 -15.19 9.30
C TYR A 21 2.75 -15.21 10.15
N ARG A 22 3.69 -16.07 9.77
CA ARG A 22 4.96 -16.18 10.50
C ARG A 22 5.75 -14.87 10.46
N VAL A 23 5.70 -14.19 9.30
CA VAL A 23 6.41 -12.93 9.06
C VAL A 23 7.79 -12.86 9.73
N LYS A 24 8.61 -13.87 9.47
CA LYS A 24 9.96 -13.93 10.03
C LYS A 24 10.99 -14.11 8.93
N LYS A 25 11.85 -13.10 8.78
CA LYS A 25 12.95 -13.09 7.78
C LYS A 25 12.47 -12.84 6.35
N VAL A 26 11.18 -13.01 6.10
CA VAL A 26 10.56 -12.82 4.76
C VAL A 26 11.38 -13.48 3.64
N SER A 27 12.01 -14.60 3.94
CA SER A 27 12.81 -15.31 2.97
C SER A 27 11.93 -15.97 1.90
N GLU A 28 10.63 -15.97 2.15
CA GLU A 28 9.66 -16.54 1.23
C GLU A 28 9.66 -15.81 -0.11
N GLU A 29 9.59 -14.49 -0.08
CA GLU A 29 9.55 -13.70 -1.31
C GLU A 29 10.71 -12.73 -1.42
N ALA A 30 11.56 -12.69 -0.38
CA ALA A 30 12.75 -11.81 -0.34
C ALA A 30 12.37 -10.35 -0.05
N LEU A 31 13.39 -9.50 0.13
CA LEU A 31 13.17 -8.09 0.40
C LEU A 31 13.94 -7.24 -0.59
N MET A 32 13.49 -7.21 -1.83
CA MET A 32 14.15 -6.42 -2.85
C MET A 32 13.15 -5.64 -3.70
N GLN A 33 11.92 -5.52 -3.23
CA GLN A 33 10.89 -4.84 -4.01
C GLN A 33 9.63 -4.63 -3.16
N MET A 34 9.50 -5.41 -2.11
CA MET A 34 8.37 -5.32 -1.18
C MET A 34 8.74 -4.60 0.12
N PRO A 35 7.74 -4.14 0.90
CA PRO A 35 7.94 -3.46 2.20
C PRO A 35 8.88 -4.22 3.14
N ILE A 36 9.70 -3.47 3.85
CA ILE A 36 10.68 -4.03 4.79
C ILE A 36 10.12 -4.06 6.22
N GLY A 37 8.98 -3.40 6.43
CA GLY A 37 8.38 -3.37 7.75
C GLY A 37 6.89 -3.05 7.68
N ILE A 38 6.06 -3.87 8.33
CA ILE A 38 4.60 -3.62 8.29
C ILE A 38 4.02 -3.44 9.70
N LEU A 39 3.13 -2.45 9.87
CA LEU A 39 2.50 -2.20 11.16
C LEU A 39 0.99 -1.89 11.00
N LEU A 40 0.15 -2.57 11.81
CA LEU A 40 -1.30 -2.37 11.79
C LEU A 40 -1.83 -2.22 13.21
N LEU A 41 -2.70 -1.23 13.40
CA LEU A 41 -3.27 -0.91 14.72
C LEU A 41 -4.78 -0.72 14.67
N ASP A 42 -5.33 -0.23 15.78
CA ASP A 42 -6.77 0.01 15.91
C ASP A 42 -7.11 1.42 15.45
N GLU A 43 -8.17 1.99 16.00
CA GLU A 43 -8.58 3.34 15.65
C GLU A 43 -8.16 4.34 16.75
N GLU A 44 -7.27 3.95 17.70
CA GLU A 44 -6.91 4.85 18.78
C GLU A 44 -5.42 5.13 18.89
N ASP A 45 -4.60 4.13 18.47
CA ASP A 45 -3.10 4.20 18.71
C ASP A 45 -2.55 2.98 19.44
N LYS A 46 -3.31 1.91 19.45
CA LYS A 46 -2.85 0.66 20.00
C LYS A 46 -2.56 -0.27 18.83
N ILE A 47 -1.29 -0.65 18.69
CA ILE A 47 -0.86 -1.56 17.62
C ILE A 47 -1.37 -2.95 17.87
N GLU A 48 -1.83 -3.61 16.82
CA GLU A 48 -2.33 -4.95 16.95
C GLU A 48 -1.38 -5.96 16.31
N TRP A 49 -1.11 -5.80 15.03
CA TRP A 49 -0.21 -6.73 14.36
C TRP A 49 0.86 -5.99 13.58
N SER A 50 2.06 -6.54 13.56
CA SER A 50 3.16 -5.94 12.85
C SER A 50 4.16 -6.99 12.41
N ASN A 51 4.80 -6.74 11.29
CA ASN A 51 5.81 -7.64 10.76
C ASN A 51 7.12 -7.36 11.44
N ARG A 52 7.66 -8.37 12.14
CA ARG A 52 8.89 -8.28 12.93
C ARG A 52 10.01 -7.51 12.24
N PHE A 53 10.18 -7.78 10.95
CA PHE A 53 11.21 -7.14 10.14
C PHE A 53 11.38 -5.65 10.48
N LEU A 54 10.29 -4.92 10.70
CA LEU A 54 10.42 -3.49 10.98
C LEU A 54 11.16 -3.20 12.28
N ALA A 55 10.77 -3.86 13.36
CA ALA A 55 11.41 -3.69 14.66
C ALA A 55 12.92 -3.91 14.59
N ALA A 56 13.31 -5.02 13.98
CA ALA A 56 14.73 -5.37 13.84
C ALA A 56 15.54 -4.26 13.17
N CYS A 57 14.94 -3.73 12.11
CA CYS A 57 15.51 -2.66 11.29
C CYS A 57 15.37 -1.29 11.98
N PHE A 58 14.78 -1.28 13.17
CA PHE A 58 14.57 -0.07 13.92
C PHE A 58 15.37 -0.06 15.23
N LYS A 59 16.00 -1.18 15.57
CA LYS A 59 16.79 -1.32 16.79
C LYS A 59 15.86 -1.30 18.01
N GLU A 60 14.88 -2.20 17.98
CA GLU A 60 13.92 -2.32 19.05
C GLU A 60 13.95 -3.73 19.61
N GLN A 61 13.30 -3.91 20.75
CA GLN A 61 13.22 -5.21 21.39
C GLN A 61 11.79 -5.72 21.27
N THR A 62 10.85 -4.79 21.34
CA THR A 62 9.45 -5.11 21.20
C THR A 62 8.69 -3.84 20.82
N LEU A 63 8.01 -3.89 19.69
CA LEU A 63 7.27 -2.74 19.20
C LEU A 63 5.80 -2.86 19.59
N ILE A 64 5.36 -4.09 19.81
CA ILE A 64 3.99 -4.34 20.17
C ILE A 64 3.73 -3.91 21.61
N GLY A 65 2.72 -3.07 21.79
CA GLY A 65 2.39 -2.58 23.11
C GLY A 65 3.08 -1.26 23.41
N ARG A 66 3.81 -0.75 22.44
CA ARG A 66 4.55 0.50 22.60
C ARG A 66 3.74 1.69 22.09
N SER A 67 2.42 1.52 22.03
CA SER A 67 1.53 2.59 21.54
C SER A 67 2.02 3.16 20.21
N LEU A 68 1.59 4.37 19.90
CA LEU A 68 2.02 5.03 18.68
C LEU A 68 2.99 6.19 18.97
N ALA A 69 2.66 6.96 20.01
CA ALA A 69 3.44 8.13 20.40
C ALA A 69 4.84 7.78 20.88
N GLU A 70 4.97 6.66 21.59
CA GLU A 70 6.26 6.22 22.09
C GLU A 70 7.22 5.90 20.95
N LEU A 71 6.70 5.33 19.88
CA LEU A 71 7.53 4.99 18.72
C LEU A 71 7.98 6.24 17.97
N SER A 72 7.02 7.09 17.59
CA SER A 72 7.34 8.31 16.88
C SER A 72 6.41 9.45 17.29
N GLU A 73 6.98 10.64 17.52
CA GLU A 73 6.20 11.81 17.92
C GLU A 73 5.46 12.46 16.75
N PRO A 74 6.13 12.73 15.60
CA PRO A 74 5.50 13.38 14.43
C PRO A 74 4.18 12.73 13.99
N LEU A 75 4.21 11.42 13.82
CA LEU A 75 3.02 10.70 13.37
C LEU A 75 2.05 10.43 14.52
N ALA A 76 2.45 10.73 15.76
CA ALA A 76 1.60 10.52 16.92
C ALA A 76 0.37 11.41 16.84
N ALA A 77 0.57 12.65 16.40
CA ALA A 77 -0.53 13.59 16.26
C ALA A 77 -1.38 13.20 15.05
N PHE A 78 -0.70 12.65 14.05
CA PHE A 78 -1.32 12.22 12.82
C PHE A 78 -2.34 11.08 13.06
N VAL A 79 -1.94 10.10 13.86
CA VAL A 79 -2.80 8.95 14.16
C VAL A 79 -4.01 9.36 14.98
N LYS A 80 -3.91 10.53 15.60
CA LYS A 80 -4.99 11.06 16.37
C LYS A 80 -5.80 12.08 15.56
N LYS A 81 -5.46 12.28 14.28
CA LYS A 81 -6.20 13.23 13.49
C LYS A 81 -6.88 12.60 12.28
N GLY A 82 -6.11 11.81 11.53
CA GLY A 82 -6.63 11.14 10.35
C GLY A 82 -7.16 12.09 9.27
N LYS A 83 -6.61 13.30 9.17
CA LYS A 83 -7.05 14.27 8.16
C LYS A 83 -6.06 14.34 7.01
N THR A 84 -5.77 13.17 6.43
CA THR A 84 -4.84 13.04 5.32
C THR A 84 -4.88 11.62 4.77
N ASP A 85 -4.03 11.32 3.79
CA ASP A 85 -3.99 9.97 3.22
C ASP A 85 -2.71 9.25 3.61
N GLU A 86 -1.60 9.65 3.00
CA GLU A 86 -0.32 9.02 3.30
C GLU A 86 0.80 10.06 3.45
N GLU A 87 1.86 9.64 4.12
CA GLU A 87 3.03 10.48 4.35
C GLU A 87 4.30 9.63 4.53
N ILE A 88 5.44 10.10 4.01
CA ILE A 88 6.69 9.35 4.16
C ILE A 88 7.79 10.16 4.85
N ILE A 89 8.00 9.92 6.13
CA ILE A 89 9.10 10.59 6.86
C ILE A 89 10.34 9.71 6.76
N GLU A 90 11.35 9.99 7.56
CA GLU A 90 12.58 9.20 7.51
C GLU A 90 13.04 8.81 8.92
N LEU A 91 13.37 7.54 9.10
CA LEU A 91 13.83 7.03 10.39
C LEU A 91 14.75 5.82 10.19
N ASN A 92 15.84 5.80 10.97
CA ASN A 92 16.84 4.74 10.91
C ASN A 92 17.46 4.60 9.51
N GLY A 93 17.39 5.68 8.74
CA GLY A 93 17.95 5.68 7.40
C GLY A 93 16.96 5.27 6.31
N LYS A 94 15.79 4.80 6.69
CA LYS A 94 14.79 4.38 5.73
C LYS A 94 13.58 5.30 5.84
N GLN A 95 12.78 5.36 4.79
CA GLN A 95 11.60 6.21 4.82
C GLN A 95 10.50 5.52 5.64
N LEU A 96 9.69 6.28 6.34
CA LEU A 96 8.60 5.69 7.12
C LEU A 96 7.29 6.12 6.49
N LYS A 97 6.66 5.16 5.84
CA LYS A 97 5.42 5.36 5.13
C LYS A 97 4.20 5.10 6.00
N VAL A 98 3.31 6.07 6.04
CA VAL A 98 2.07 5.95 6.79
C VAL A 98 0.90 6.07 5.81
N ILE A 99 -0.19 5.34 6.06
CA ILE A 99 -1.35 5.35 5.17
C ILE A 99 -2.66 5.14 5.93
N VAL A 100 -3.62 6.04 5.71
CA VAL A 100 -4.94 5.98 6.33
C VAL A 100 -5.99 6.40 5.31
N HIS A 101 -7.21 5.95 5.49
CA HIS A 101 -8.30 6.29 4.57
C HIS A 101 -9.45 6.93 5.37
N ARG A 102 -10.64 6.56 4.93
CA ARG A 102 -11.91 6.92 5.51
C ARG A 102 -11.96 6.19 6.87
N HIS A 103 -12.77 5.14 6.87
CA HIS A 103 -12.94 4.24 8.05
C HIS A 103 -11.64 3.64 8.58
N GLU A 104 -10.50 4.30 8.35
CA GLU A 104 -9.13 3.78 8.64
C GLU A 104 -8.99 2.34 9.24
N ARG A 105 -9.77 1.40 8.68
CA ARG A 105 -9.74 -0.01 9.08
C ARG A 105 -8.50 -0.70 8.49
N LEU A 106 -8.04 -0.14 7.38
CA LEU A 106 -6.86 -0.61 6.63
C LEU A 106 -5.65 0.29 6.87
N LEU A 107 -5.72 1.12 7.90
CA LEU A 107 -4.63 2.03 8.24
C LEU A 107 -3.36 1.25 8.59
N TYR A 108 -2.24 1.59 7.95
CA TYR A 108 -0.99 0.90 8.23
C TYR A 108 0.23 1.77 7.93
N PHE A 109 1.36 1.37 8.50
CA PHE A 109 2.63 2.06 8.29
C PHE A 109 3.68 1.07 7.81
N PHE A 110 4.43 1.46 6.78
CA PHE A 110 5.46 0.61 6.20
C PHE A 110 6.81 1.33 6.17
N ASP A 111 7.90 0.58 6.20
CA ASP A 111 9.23 1.15 6.15
C ASP A 111 9.75 1.11 4.71
N VAL A 112 10.57 2.10 4.33
CA VAL A 112 11.09 2.14 2.96
C VAL A 112 12.60 2.39 2.83
N THR A 113 13.41 1.46 3.30
CA THR A 113 14.88 1.50 3.08
C THR A 113 15.30 2.34 1.86
N ARG B 1 7.78 -3.46 -23.67
CA ARG B 1 8.59 -4.57 -24.20
C ARG B 1 8.98 -5.55 -23.10
N GLY B 2 9.45 -5.01 -21.98
CA GLY B 2 9.85 -5.85 -20.87
C GLY B 2 8.74 -6.02 -19.85
N SER B 3 7.87 -7.00 -20.08
CA SER B 3 6.77 -7.26 -19.17
C SER B 3 7.26 -7.86 -17.86
N HIS B 4 7.00 -7.16 -16.78
CA HIS B 4 7.37 -7.60 -15.45
C HIS B 4 6.27 -8.43 -14.83
N MET B 5 5.03 -7.94 -14.95
CA MET B 5 3.87 -8.61 -14.40
C MET B 5 3.79 -10.05 -14.91
N ARG B 6 4.20 -10.27 -16.15
CA ARG B 6 4.17 -11.60 -16.73
C ARG B 6 5.56 -12.24 -16.81
N SER B 7 6.53 -11.63 -16.14
CA SER B 7 7.90 -12.17 -16.14
C SER B 7 8.11 -13.16 -14.99
N LEU B 8 7.29 -13.04 -13.94
CA LEU B 8 7.39 -13.91 -12.79
C LEU B 8 6.12 -14.76 -12.62
N HIS B 9 4.98 -14.12 -12.88
CA HIS B 9 3.65 -14.73 -12.76
C HIS B 9 3.28 -14.92 -11.28
N LYS B 10 4.04 -15.76 -10.58
CA LYS B 10 3.80 -16.05 -9.16
C LYS B 10 3.72 -14.76 -8.34
N GLU B 11 4.59 -13.81 -8.64
CA GLU B 11 4.64 -12.54 -7.93
C GLU B 11 3.27 -11.88 -7.90
N LEU B 12 2.68 -11.68 -9.06
CA LEU B 12 1.38 -11.04 -9.15
C LEU B 12 0.26 -11.98 -8.72
N GLN B 13 0.37 -13.26 -9.08
CA GLN B 13 -0.65 -14.24 -8.71
C GLN B 13 -0.76 -14.37 -7.20
N GLN B 14 0.31 -13.98 -6.51
CA GLN B 14 0.36 -14.05 -5.06
C GLN B 14 -0.45 -12.91 -4.44
N TYR B 15 -0.18 -11.68 -4.89
CA TYR B 15 -0.87 -10.50 -4.38
C TYR B 15 -2.37 -10.52 -4.68
N ILE B 16 -2.74 -10.94 -5.89
CA ILE B 16 -4.14 -10.99 -6.33
C ILE B 16 -4.93 -12.17 -5.75
N SER B 17 -4.73 -12.45 -4.49
CA SER B 17 -5.43 -13.53 -3.83
C SER B 17 -6.62 -12.98 -3.02
N ASN B 18 -6.28 -12.31 -1.92
CA ASN B 18 -7.24 -11.66 -1.02
C ASN B 18 -8.38 -10.93 -1.77
N LEU B 19 -8.07 -10.37 -2.93
CA LEU B 19 -9.07 -9.64 -3.71
C LEU B 19 -9.49 -10.43 -4.94
N SER B 20 -10.75 -10.25 -5.34
CA SER B 20 -11.33 -10.94 -6.49
C SER B 20 -10.74 -10.42 -7.81
N TYR B 21 -10.39 -11.36 -8.69
CA TYR B 21 -9.81 -11.03 -9.99
C TYR B 21 -10.79 -10.27 -10.89
N ARG B 22 -12.08 -10.40 -10.62
CA ARG B 22 -13.11 -9.72 -11.41
C ARG B 22 -13.03 -8.20 -11.23
N VAL B 23 -12.64 -7.77 -10.03
CA VAL B 23 -12.52 -6.35 -9.65
C VAL B 23 -13.62 -5.48 -10.27
N LYS B 24 -14.87 -5.80 -9.95
CA LYS B 24 -16.01 -5.06 -10.47
C LYS B 24 -16.97 -4.67 -9.35
N LYS B 25 -17.17 -3.37 -9.19
CA LYS B 25 -18.08 -2.78 -8.18
C LYS B 25 -17.60 -2.96 -6.74
N VAL B 26 -16.60 -3.83 -6.54
CA VAL B 26 -16.01 -4.12 -5.22
C VAL B 26 -17.06 -4.21 -4.10
N SER B 27 -18.20 -4.79 -4.42
CA SER B 27 -19.28 -4.92 -3.45
C SER B 27 -18.96 -6.02 -2.44
N GLU B 28 -17.96 -6.83 -2.78
CA GLU B 28 -17.53 -7.94 -1.95
C GLU B 28 -17.02 -7.48 -0.57
N GLU B 29 -16.17 -6.45 -0.55
CA GLU B 29 -15.62 -5.98 0.71
C GLU B 29 -15.96 -4.51 0.97
N ALA B 30 -16.76 -3.91 0.08
CA ALA B 30 -17.21 -2.51 0.22
C ALA B 30 -16.09 -1.51 -0.09
N LEU B 31 -16.44 -0.24 -0.22
CA LEU B 31 -15.46 0.80 -0.50
C LEU B 31 -15.61 1.95 0.48
N MET B 32 -15.24 1.69 1.72
CA MET B 32 -15.29 2.72 2.76
C MET B 32 -14.02 2.71 3.62
N GLN B 33 -12.94 2.12 3.12
CA GLN B 33 -11.71 2.01 3.89
C GLN B 33 -10.57 1.50 3.01
N MET B 34 -10.91 0.87 1.90
CA MET B 34 -9.92 0.37 0.96
C MET B 34 -9.81 1.26 -0.29
N PRO B 35 -8.67 1.18 -1.02
CA PRO B 35 -8.45 1.93 -2.27
C PRO B 35 -9.63 1.86 -3.24
N ILE B 36 -9.93 2.99 -3.87
CA ILE B 36 -11.05 3.07 -4.80
C ILE B 36 -10.61 2.74 -6.23
N GLY B 37 -9.30 2.63 -6.44
CA GLY B 37 -8.77 2.33 -7.75
C GLY B 37 -7.36 1.81 -7.69
N ILE B 38 -7.04 0.76 -8.46
CA ILE B 38 -5.70 0.20 -8.43
C ILE B 38 -5.12 0.04 -9.84
N LEU B 39 -3.83 0.37 -10.01
CA LEU B 39 -3.16 0.26 -11.30
C LEU B 39 -1.77 -0.37 -11.14
N LEU B 40 -1.49 -1.45 -11.93
CA LEU B 40 -0.20 -2.15 -11.89
C LEU B 40 0.38 -2.25 -13.31
N LEU B 41 1.66 -1.92 -13.45
CA LEU B 41 2.34 -1.93 -14.75
C LEU B 41 3.67 -2.66 -14.73
N ASP B 42 4.40 -2.50 -15.84
CA ASP B 42 5.71 -3.13 -16.02
C ASP B 42 6.81 -2.21 -15.48
N GLU B 43 8.02 -2.35 -16.02
CA GLU B 43 9.12 -1.52 -15.57
C GLU B 43 9.42 -0.42 -16.61
N GLU B 44 8.50 -0.14 -17.54
CA GLU B 44 8.76 0.88 -18.57
C GLU B 44 7.72 1.97 -18.64
N ASP B 45 6.45 1.61 -18.24
CA ASP B 45 5.24 2.51 -18.42
C ASP B 45 4.12 1.89 -19.24
N LYS B 46 4.12 0.58 -19.35
CA LYS B 46 3.03 -0.12 -19.99
C LYS B 46 2.19 -0.75 -18.89
N ILE B 47 0.93 -0.35 -18.78
CA ILE B 47 0.02 -0.87 -17.76
C ILE B 47 -0.39 -2.29 -18.07
N GLU B 48 -0.46 -3.12 -17.04
CA GLU B 48 -0.82 -4.50 -17.21
C GLU B 48 -2.19 -4.79 -16.62
N TRP B 49 -2.32 -4.65 -15.31
CA TRP B 49 -3.59 -4.93 -14.67
C TRP B 49 -4.05 -3.74 -13.87
N SER B 50 -5.35 -3.53 -13.82
CA SER B 50 -5.90 -2.40 -13.11
C SER B 50 -7.33 -2.70 -12.66
N ASN B 51 -7.69 -2.16 -11.51
CA ASN B 51 -9.02 -2.34 -10.97
C ASN B 51 -9.93 -1.31 -11.61
N ARG B 52 -10.95 -1.81 -12.31
CA ARG B 52 -11.92 -0.99 -13.08
C ARG B 52 -12.38 0.26 -12.35
N PHE B 53 -12.74 0.09 -11.08
CA PHE B 53 -13.23 1.20 -10.25
C PHE B 53 -12.49 2.52 -10.52
N LEU B 54 -11.17 2.48 -10.73
CA LEU B 54 -10.42 3.71 -10.95
C LEU B 54 -10.84 4.44 -12.23
N ALA B 55 -10.89 3.68 -13.34
CA ALA B 55 -11.30 4.24 -14.63
C ALA B 55 -12.64 4.93 -14.56
N ALA B 56 -13.63 4.24 -14.00
CA ALA B 56 -14.97 4.79 -13.89
C ALA B 56 -14.97 6.12 -13.14
N CYS B 57 -14.19 6.15 -12.08
CA CYS B 57 -14.03 7.31 -11.21
C CYS B 57 -13.11 8.36 -11.84
N PHE B 58 -12.56 8.07 -13.02
CA PHE B 58 -11.66 8.99 -13.69
C PHE B 58 -12.26 9.52 -15.00
N LYS B 59 -13.42 8.96 -15.38
CA LYS B 59 -14.14 9.36 -16.59
C LYS B 59 -13.38 8.93 -17.85
N GLU B 60 -13.06 7.65 -17.90
CA GLU B 60 -12.34 7.08 -19.04
C GLU B 60 -13.16 5.94 -19.64
N GLN B 61 -12.78 5.53 -20.85
CA GLN B 61 -13.45 4.42 -21.53
C GLN B 61 -12.58 3.18 -21.45
N THR B 62 -11.27 3.42 -21.45
CA THR B 62 -10.31 2.35 -21.32
C THR B 62 -8.97 2.94 -20.87
N LEU B 63 -8.50 2.47 -19.71
CA LEU B 63 -7.26 2.97 -19.14
C LEU B 63 -6.09 2.08 -19.52
N ILE B 64 -6.40 0.85 -19.91
CA ILE B 64 -5.36 -0.09 -20.30
C ILE B 64 -4.84 0.23 -21.69
N GLY B 65 -3.55 0.09 -21.88
CA GLY B 65 -2.95 0.38 -23.17
C GLY B 65 -2.80 1.87 -23.42
N ARG B 66 -3.11 2.66 -22.39
CA ARG B 66 -3.04 4.11 -22.48
C ARG B 66 -1.70 4.62 -21.94
N SER B 67 -0.70 3.74 -21.88
CA SER B 67 0.61 4.09 -21.36
C SER B 67 0.49 4.80 -20.01
N LEU B 68 1.54 5.50 -19.62
CA LEU B 68 1.51 6.26 -18.37
C LEU B 68 1.43 7.75 -18.62
N ALA B 69 2.24 8.22 -19.56
CA ALA B 69 2.31 9.65 -19.90
C ALA B 69 0.96 10.20 -20.36
N GLU B 70 0.23 9.39 -21.11
CA GLU B 70 -1.08 9.79 -21.60
C GLU B 70 -2.05 10.04 -20.45
N LEU B 71 -2.03 9.15 -19.47
CA LEU B 71 -2.90 9.28 -18.32
C LEU B 71 -2.55 10.51 -17.51
N SER B 72 -1.29 10.65 -17.14
CA SER B 72 -0.84 11.80 -16.37
C SER B 72 0.57 12.22 -16.75
N GLU B 73 0.78 13.53 -16.81
CA GLU B 73 2.08 14.10 -17.15
C GLU B 73 3.02 14.22 -15.95
N PRO B 74 2.55 14.67 -14.76
CA PRO B 74 3.43 14.82 -13.58
C PRO B 74 4.13 13.51 -13.20
N LEU B 75 3.37 12.43 -13.12
CA LEU B 75 3.95 11.14 -12.75
C LEU B 75 4.63 10.46 -13.94
N ALA B 76 4.50 11.05 -15.12
CA ALA B 76 5.11 10.49 -16.32
C ALA B 76 6.62 10.48 -16.18
N ALA B 77 7.18 11.57 -15.65
CA ALA B 77 8.61 11.67 -15.45
C ALA B 77 9.03 10.78 -14.27
N PHE B 78 8.17 10.69 -13.28
CA PHE B 78 8.43 9.89 -12.09
C PHE B 78 8.59 8.40 -12.45
N VAL B 79 7.71 7.89 -13.32
CA VAL B 79 7.76 6.49 -13.72
C VAL B 79 8.99 6.22 -14.59
N LYS B 80 9.55 7.28 -15.14
CA LYS B 80 10.73 7.16 -15.95
C LYS B 80 11.98 7.46 -15.12
N LYS B 81 11.83 7.66 -13.80
CA LYS B 81 13.00 7.94 -12.97
C LYS B 81 13.13 6.96 -11.80
N GLY B 82 12.02 6.72 -11.11
CA GLY B 82 12.02 5.80 -9.97
C GLY B 82 12.92 6.23 -8.81
N LYS B 83 13.31 7.51 -8.74
CA LYS B 83 14.18 7.99 -7.66
C LYS B 83 13.35 8.62 -6.55
N THR B 84 12.46 7.81 -5.98
CA THR B 84 11.58 8.23 -4.89
C THR B 84 10.81 7.01 -4.37
N ASP B 85 9.91 7.21 -3.41
CA ASP B 85 9.13 6.10 -2.87
C ASP B 85 7.66 6.23 -3.26
N GLU B 86 6.95 7.16 -2.63
CA GLU B 86 5.54 7.38 -2.93
C GLU B 86 5.23 8.86 -3.04
N GLU B 87 4.12 9.14 -3.70
CA GLU B 87 3.64 10.51 -3.88
C GLU B 87 2.11 10.54 -4.08
N ILE B 88 1.44 11.54 -3.53
CA ILE B 88 -0.01 11.64 -3.69
C ILE B 88 -0.45 12.96 -4.31
N ILE B 89 -0.75 12.95 -5.59
CA ILE B 89 -1.25 14.16 -6.25
C ILE B 89 -2.77 14.14 -6.17
N GLU B 90 -3.44 15.01 -6.93
CA GLU B 90 -4.88 15.04 -6.89
C GLU B 90 -5.46 15.09 -8.29
N LEU B 91 -6.47 14.27 -8.52
CA LEU B 91 -7.14 14.22 -9.81
C LEU B 91 -8.60 13.84 -9.63
N ASN B 92 -9.46 14.59 -10.32
CA ASN B 92 -10.91 14.38 -10.26
C ASN B 92 -11.46 14.55 -8.85
N GLY B 93 -10.68 15.20 -7.98
CA GLY B 93 -11.11 15.44 -6.62
C GLY B 93 -10.58 14.43 -5.62
N LYS B 94 -10.02 13.33 -6.13
CA LYS B 94 -9.48 12.30 -5.29
C LYS B 94 -7.97 12.30 -5.41
N GLN B 95 -7.27 11.88 -4.38
CA GLN B 95 -5.80 11.87 -4.43
C GLN B 95 -5.31 10.73 -5.30
N LEU B 96 -4.18 10.91 -5.96
CA LEU B 96 -3.62 9.85 -6.77
C LEU B 96 -2.32 9.41 -6.12
N LYS B 97 -2.38 8.24 -5.52
CA LYS B 97 -1.26 7.67 -4.78
C LYS B 97 -0.40 6.81 -5.68
N VAL B 98 0.88 7.11 -5.69
CA VAL B 98 1.83 6.34 -6.47
C VAL B 98 2.87 5.74 -5.54
N ILE B 99 3.34 4.53 -5.84
CA ILE B 99 4.32 3.86 -4.97
C ILE B 99 5.27 2.96 -5.78
N VAL B 100 6.56 3.09 -5.48
CA VAL B 100 7.60 2.30 -6.13
C VAL B 100 8.66 1.94 -5.08
N HIS B 101 9.40 0.88 -5.32
CA HIS B 101 10.45 0.46 -4.40
C HIS B 101 11.78 0.35 -5.15
N ARG B 102 12.56 -0.60 -4.69
CA ARG B 102 13.85 -0.99 -5.25
C ARG B 102 13.53 -1.52 -6.66
N HIS B 103 13.58 -2.84 -6.76
CA HIS B 103 13.24 -3.60 -7.98
C HIS B 103 11.86 -3.29 -8.58
N GLU B 104 11.31 -2.07 -8.38
CA GLU B 104 9.90 -1.70 -8.72
C GLU B 104 8.97 -2.82 -9.28
N ARG B 105 9.06 -4.03 -8.69
CA ARG B 105 8.23 -5.17 -9.08
C ARG B 105 6.82 -5.01 -8.50
N LEU B 106 6.76 -4.32 -7.37
CA LEU B 106 5.52 -4.04 -6.61
C LEU B 106 5.01 -2.62 -6.83
N LEU B 107 5.53 -1.96 -7.86
CA LEU B 107 5.14 -0.58 -8.15
C LEU B 107 3.67 -0.49 -8.57
N TYR B 108 2.92 0.40 -7.92
CA TYR B 108 1.50 0.57 -8.24
C TYR B 108 0.98 1.95 -7.86
N PHE B 109 -0.19 2.30 -8.42
CA PHE B 109 -0.82 3.59 -8.13
C PHE B 109 -2.28 3.35 -7.73
N PHE B 110 -2.72 4.04 -6.68
CA PHE B 110 -4.09 3.91 -6.18
C PHE B 110 -4.75 5.29 -6.15
N ASP B 111 -6.06 5.31 -5.95
CA ASP B 111 -6.82 6.54 -5.87
C ASP B 111 -7.30 6.77 -4.43
N VAL B 112 -7.37 8.02 -4.00
CA VAL B 112 -7.79 8.30 -2.63
C VAL B 112 -8.86 9.39 -2.46
N THR B 113 -10.06 9.13 -2.98
CA THR B 113 -11.23 10.01 -2.75
C THR B 113 -11.12 10.91 -1.51
N ARG A 1 -8.64 0.26 24.87
CA ARG A 1 -10.08 0.27 25.23
C ARG A 1 -10.93 -0.08 24.02
N GLY A 2 -10.72 0.63 22.91
CA GLY A 2 -11.50 0.38 21.71
C GLY A 2 -10.74 -0.40 20.65
N SER A 3 -10.96 -1.72 20.61
CA SER A 3 -10.29 -2.59 19.64
C SER A 3 -11.00 -2.60 18.30
N HIS A 4 -10.28 -2.26 17.25
CA HIS A 4 -10.83 -2.24 15.91
C HIS A 4 -10.42 -3.45 15.03
N MET A 5 -9.10 -3.64 14.89
CA MET A 5 -8.54 -4.69 14.02
C MET A 5 -9.01 -6.07 14.41
N ARG A 6 -9.17 -6.28 15.70
CA ARG A 6 -9.61 -7.56 16.20
C ARG A 6 -11.07 -7.47 16.64
N SER A 7 -11.73 -6.41 16.22
CA SER A 7 -13.14 -6.21 16.55
C SER A 7 -14.05 -6.84 15.50
N LEU A 8 -13.55 -6.96 14.27
CA LEU A 8 -14.34 -7.52 13.17
C LEU A 8 -13.80 -8.89 12.78
N HIS A 9 -12.49 -9.07 13.00
CA HIS A 9 -11.78 -10.33 12.71
C HIS A 9 -11.64 -10.59 11.20
N LYS A 10 -12.74 -10.50 10.47
CA LYS A 10 -12.73 -10.75 9.03
C LYS A 10 -11.71 -9.86 8.31
N GLU A 11 -11.61 -8.60 8.76
CA GLU A 11 -10.65 -7.66 8.17
C GLU A 11 -9.23 -8.19 8.28
N LEU A 12 -8.87 -8.64 9.48
CA LEU A 12 -7.53 -9.16 9.75
C LEU A 12 -7.35 -10.51 9.07
N GLN A 13 -8.46 -11.24 8.95
CA GLN A 13 -8.46 -12.55 8.32
C GLN A 13 -8.32 -12.41 6.80
N GLN A 14 -8.76 -11.28 6.28
CA GLN A 14 -8.69 -10.99 4.86
C GLN A 14 -7.33 -10.37 4.52
N TYR A 15 -6.64 -9.86 5.54
CA TYR A 15 -5.36 -9.19 5.35
C TYR A 15 -4.22 -10.21 5.26
N ILE A 16 -4.34 -11.32 5.99
CA ILE A 16 -3.30 -12.35 6.00
C ILE A 16 -3.36 -13.24 4.76
N SER A 17 -4.00 -12.78 3.71
CA SER A 17 -4.09 -13.53 2.48
C SER A 17 -2.99 -13.06 1.52
N ASN A 18 -2.45 -11.90 1.83
CA ASN A 18 -1.39 -11.29 1.02
C ASN A 18 -0.02 -11.90 1.33
N LEU A 19 0.22 -12.21 2.62
CA LEU A 19 1.48 -12.79 3.06
C LEU A 19 1.21 -13.87 4.09
N SER A 20 2.27 -14.45 4.64
CA SER A 20 2.12 -15.49 5.63
C SER A 20 2.05 -14.86 7.03
N TYR A 21 1.38 -15.54 7.94
CA TYR A 21 1.24 -15.04 9.30
C TYR A 21 2.53 -15.20 10.10
N ARG A 22 3.41 -16.09 9.63
CA ARG A 22 4.69 -16.36 10.28
C ARG A 22 5.51 -15.08 10.43
N VAL A 23 5.67 -14.38 9.31
CA VAL A 23 6.44 -13.11 9.22
C VAL A 23 7.83 -13.24 9.86
N LYS A 24 8.32 -14.47 9.93
CA LYS A 24 9.64 -14.76 10.48
C LYS A 24 10.66 -14.99 9.37
N LYS A 25 11.66 -14.13 9.31
CA LYS A 25 12.75 -14.21 8.31
C LYS A 25 12.29 -13.85 6.89
N VAL A 26 10.97 -13.87 6.64
CA VAL A 26 10.38 -13.56 5.33
C VAL A 26 11.21 -14.18 4.18
N SER A 27 11.62 -15.42 4.37
CA SER A 27 12.46 -16.12 3.40
C SER A 27 11.63 -16.67 2.22
N GLU A 28 10.33 -16.89 2.44
CA GLU A 28 9.48 -17.43 1.37
C GLU A 28 8.92 -16.30 0.52
N GLU A 29 8.90 -15.10 1.08
CA GLU A 29 8.37 -13.95 0.38
C GLU A 29 9.49 -13.10 -0.24
N ALA A 30 10.63 -13.01 0.45
CA ALA A 30 11.81 -12.25 -0.02
C ALA A 30 11.59 -10.74 0.02
N LEU A 31 12.24 -10.08 0.99
CA LEU A 31 12.12 -8.63 1.12
C LEU A 31 13.20 -7.93 0.31
N MET A 32 13.07 -8.01 -1.01
CA MET A 32 14.02 -7.39 -1.90
C MET A 32 13.29 -6.50 -2.90
N GLN A 33 12.10 -6.06 -2.53
CA GLN A 33 11.32 -5.21 -3.40
C GLN A 33 10.17 -4.55 -2.64
N MET A 34 9.78 -5.15 -1.53
CA MET A 34 8.69 -4.61 -0.68
C MET A 34 9.19 -4.05 0.69
N PRO A 35 8.31 -3.29 1.41
CA PRO A 35 8.57 -2.73 2.77
C PRO A 35 9.22 -3.72 3.75
N ILE A 36 10.19 -3.22 4.52
CA ILE A 36 10.97 -4.03 5.46
C ILE A 36 10.39 -4.06 6.88
N GLY A 37 9.08 -4.11 6.98
CA GLY A 37 8.44 -4.15 8.29
C GLY A 37 7.11 -3.45 8.24
N ILE A 38 6.12 -3.95 8.98
CA ILE A 38 4.79 -3.35 8.96
C ILE A 38 4.16 -3.33 10.37
N LEU A 39 3.32 -2.33 10.62
CA LEU A 39 2.62 -2.17 11.89
C LEU A 39 1.13 -1.94 11.66
N LEU A 40 0.28 -2.67 12.38
CA LEU A 40 -1.17 -2.55 12.27
C LEU A 40 -1.78 -2.30 13.64
N LEU A 41 -2.65 -1.30 13.73
CA LEU A 41 -3.27 -0.93 15.00
C LEU A 41 -4.79 -0.83 14.87
N ASP A 42 -5.41 -0.40 15.96
CA ASP A 42 -6.85 -0.25 16.01
C ASP A 42 -7.25 1.14 15.58
N GLU A 43 -8.26 1.70 16.20
CA GLU A 43 -8.73 3.05 15.86
C GLU A 43 -8.61 3.99 17.07
N GLU A 44 -7.93 3.52 18.12
CA GLU A 44 -7.84 4.30 19.36
C GLU A 44 -6.45 4.73 19.82
N ASP A 45 -5.39 4.04 19.38
CA ASP A 45 -3.98 4.19 19.89
C ASP A 45 -3.50 2.92 20.64
N LYS A 46 -3.77 1.77 20.06
CA LYS A 46 -3.29 0.50 20.56
C LYS A 46 -2.86 -0.29 19.35
N ILE A 47 -1.62 -0.74 19.36
CA ILE A 47 -1.07 -1.54 18.26
C ILE A 47 -1.58 -2.98 18.39
N GLU A 48 -2.08 -3.54 17.30
CA GLU A 48 -2.60 -4.90 17.34
C GLU A 48 -1.55 -5.90 16.88
N TRP A 49 -1.15 -5.81 15.62
CA TRP A 49 -0.18 -6.76 15.08
C TRP A 49 0.87 -6.04 14.25
N SER A 50 2.06 -6.58 14.22
CA SER A 50 3.14 -5.98 13.46
C SER A 50 4.19 -7.02 13.07
N ASN A 51 4.83 -6.78 11.94
CA ASN A 51 5.87 -7.67 11.45
C ASN A 51 7.15 -7.30 12.16
N ARG A 52 7.74 -8.27 12.88
CA ARG A 52 8.95 -8.07 13.69
C ARG A 52 10.04 -7.30 12.96
N PHE A 53 10.21 -7.62 11.69
CA PHE A 53 11.22 -6.97 10.85
C PHE A 53 11.30 -5.45 11.07
N LEU A 54 10.17 -4.79 11.33
CA LEU A 54 10.21 -3.35 11.52
C LEU A 54 10.92 -2.96 12.81
N ALA A 55 10.59 -3.65 13.88
CA ALA A 55 11.25 -3.42 15.16
C ALA A 55 12.74 -3.59 15.06
N ALA A 56 13.17 -4.65 14.40
CA ALA A 56 14.58 -4.93 14.20
C ALA A 56 15.23 -3.80 13.40
N CYS A 57 14.52 -3.31 12.40
CA CYS A 57 15.01 -2.22 11.57
C CYS A 57 15.25 -0.96 12.41
N PHE A 58 14.45 -0.79 13.46
CA PHE A 58 14.57 0.35 14.36
C PHE A 58 15.48 0.05 15.54
N LYS A 59 15.85 -1.22 15.70
CA LYS A 59 16.72 -1.67 16.80
C LYS A 59 15.99 -1.61 18.14
N GLU A 60 15.00 -2.47 18.29
CA GLU A 60 14.22 -2.55 19.51
C GLU A 60 14.05 -3.99 19.96
N GLN A 61 13.42 -4.16 21.11
CA GLN A 61 13.19 -5.48 21.69
C GLN A 61 11.76 -5.92 21.41
N THR A 62 10.84 -4.96 21.42
CA THR A 62 9.44 -5.23 21.17
C THR A 62 8.74 -3.93 20.78
N LEU A 63 8.04 -3.96 19.65
CA LEU A 63 7.34 -2.78 19.16
C LEU A 63 5.87 -2.79 19.55
N ILE A 64 5.33 -3.96 19.82
CA ILE A 64 3.93 -4.05 20.22
C ILE A 64 3.78 -3.67 21.68
N GLY A 65 2.81 -2.81 21.98
CA GLY A 65 2.62 -2.38 23.35
C GLY A 65 3.50 -1.21 23.72
N ARG A 66 4.15 -0.64 22.72
CA ARG A 66 5.05 0.48 22.90
C ARG A 66 4.39 1.80 22.51
N SER A 67 3.05 1.77 22.41
CA SER A 67 2.26 2.94 22.02
C SER A 67 2.79 3.56 20.71
N LEU A 68 2.26 4.71 20.34
CA LEU A 68 2.72 5.38 19.13
C LEU A 68 3.65 6.54 19.45
N ALA A 69 3.28 7.32 20.46
CA ALA A 69 4.05 8.49 20.87
C ALA A 69 5.45 8.12 21.36
N GLU A 70 5.56 6.99 22.04
CA GLU A 70 6.86 6.53 22.55
C GLU A 70 7.82 6.30 21.40
N LEU A 71 7.34 5.63 20.36
CA LEU A 71 8.16 5.35 19.19
C LEU A 71 8.46 6.63 18.42
N SER A 72 7.43 7.37 18.02
CA SER A 72 7.62 8.61 17.29
C SER A 72 6.55 9.64 17.67
N GLU A 73 6.96 10.68 18.40
CA GLU A 73 6.03 11.71 18.84
C GLU A 73 5.34 12.49 17.68
N PRO A 74 6.01 12.78 16.53
CA PRO A 74 5.38 13.51 15.42
C PRO A 74 4.07 12.87 14.94
N LEU A 75 4.08 11.56 14.78
CA LEU A 75 2.89 10.85 14.29
C LEU A 75 1.87 10.61 15.41
N ALA A 76 2.22 10.95 16.64
CA ALA A 76 1.30 10.76 17.76
C ALA A 76 0.05 11.60 17.57
N ALA A 77 0.24 12.86 17.19
CA ALA A 77 -0.88 13.76 16.95
C ALA A 77 -1.59 13.35 15.67
N PHE A 78 -0.83 12.77 14.74
CA PHE A 78 -1.34 12.30 13.46
C PHE A 78 -2.36 11.19 13.67
N VAL A 79 -2.01 10.20 14.48
CA VAL A 79 -2.88 9.07 14.76
C VAL A 79 -4.10 9.48 15.58
N LYS A 80 -4.04 10.68 16.14
CA LYS A 80 -5.14 11.21 16.94
C LYS A 80 -6.16 11.93 16.05
N LYS A 81 -5.68 12.71 15.08
CA LYS A 81 -6.59 13.47 14.21
C LYS A 81 -6.93 12.74 12.91
N GLY A 82 -5.93 12.10 12.31
CA GLY A 82 -6.15 11.40 11.06
C GLY A 82 -6.69 12.29 9.93
N LYS A 83 -6.43 13.60 10.02
CA LYS A 83 -6.92 14.56 9.01
C LYS A 83 -6.02 14.61 7.78
N THR A 84 -5.74 13.45 7.23
CA THR A 84 -4.91 13.32 6.04
C THR A 84 -4.95 11.86 5.61
N ASP A 85 -4.20 11.49 4.59
CA ASP A 85 -4.18 10.12 4.13
C ASP A 85 -2.94 9.41 4.65
N GLU A 86 -1.78 9.77 4.15
CA GLU A 86 -0.57 9.14 4.60
C GLU A 86 0.57 10.13 4.79
N GLU A 87 1.40 9.86 5.77
CA GLU A 87 2.58 10.68 6.02
C GLU A 87 3.82 9.82 5.81
N ILE A 88 4.68 10.26 4.91
CA ILE A 88 5.89 9.50 4.61
C ILE A 88 7.13 10.18 5.20
N ILE A 89 7.44 9.84 6.45
CA ILE A 89 8.61 10.40 7.13
C ILE A 89 9.83 9.51 6.90
N GLU A 90 10.88 9.71 7.68
CA GLU A 90 12.07 8.90 7.53
C GLU A 90 12.71 8.60 8.89
N LEU A 91 13.10 7.35 9.10
CA LEU A 91 13.74 6.91 10.33
C LEU A 91 14.70 5.76 10.05
N ASN A 92 15.82 5.74 10.78
CA ASN A 92 16.84 4.71 10.65
C ASN A 92 17.41 4.64 9.22
N GLY A 93 17.18 5.70 8.44
CA GLY A 93 17.68 5.76 7.09
C GLY A 93 16.69 5.29 6.04
N LYS A 94 15.52 4.85 6.47
CA LYS A 94 14.50 4.38 5.56
C LYS A 94 13.28 5.27 5.69
N GLN A 95 12.47 5.36 4.65
CA GLN A 95 11.28 6.17 4.73
C GLN A 95 10.28 5.44 5.62
N LEU A 96 9.32 6.14 6.19
CA LEU A 96 8.35 5.49 7.03
C LEU A 96 6.96 5.98 6.65
N LYS A 97 6.18 5.08 6.08
CA LYS A 97 4.84 5.39 5.64
C LYS A 97 3.81 5.13 6.72
N VAL A 98 2.93 6.10 6.92
CA VAL A 98 1.84 5.92 7.86
C VAL A 98 0.54 6.25 7.12
N ILE A 99 -0.02 5.20 6.52
CA ILE A 99 -1.26 5.35 5.76
C ILE A 99 -2.49 5.17 6.61
N VAL A 100 -3.41 6.11 6.44
CA VAL A 100 -4.68 6.10 7.12
C VAL A 100 -5.74 6.55 6.12
N HIS A 101 -6.95 6.18 6.38
CA HIS A 101 -8.07 6.47 5.51
C HIS A 101 -9.24 7.05 6.32
N ARG A 102 -10.32 6.35 6.18
CA ARG A 102 -11.60 6.54 6.80
C ARG A 102 -11.66 5.49 7.89
N HIS A 103 -12.60 4.58 7.80
CA HIS A 103 -12.75 3.41 8.73
C HIS A 103 -11.45 2.78 9.31
N GLU A 104 -10.37 3.50 9.41
CA GLU A 104 -9.02 3.05 9.75
C GLU A 104 -8.79 1.56 10.09
N ARG A 105 -9.30 0.66 9.23
CA ARG A 105 -9.08 -0.78 9.39
C ARG A 105 -7.88 -1.20 8.52
N LEU A 106 -7.51 -0.29 7.62
CA LEU A 106 -6.41 -0.49 6.66
C LEU A 106 -5.24 0.44 6.94
N LEU A 107 -5.32 1.18 8.04
CA LEU A 107 -4.25 2.10 8.43
C LEU A 107 -2.98 1.32 8.79
N TYR A 108 -1.87 1.57 8.11
CA TYR A 108 -0.65 0.83 8.40
C TYR A 108 0.61 1.67 8.29
N PHE A 109 1.56 1.35 9.16
CA PHE A 109 2.86 2.03 9.20
C PHE A 109 3.93 1.04 8.79
N PHE A 110 4.66 1.34 7.72
CA PHE A 110 5.70 0.43 7.28
C PHE A 110 6.94 1.18 6.81
N ASP A 111 8.05 0.45 6.82
CA ASP A 111 9.36 0.97 6.47
C ASP A 111 9.58 0.98 4.96
N VAL A 112 10.28 2.01 4.49
CA VAL A 112 10.58 2.10 3.07
C VAL A 112 12.03 2.47 2.75
N THR A 113 12.98 1.63 3.19
CA THR A 113 14.41 1.77 2.84
C THR A 113 14.72 2.82 1.77
N ARG B 1 7.54 -3.65 -24.93
CA ARG B 1 8.82 -4.25 -25.34
C ARG B 1 9.48 -4.95 -24.16
N GLY B 2 9.34 -4.37 -22.97
CA GLY B 2 9.93 -4.96 -21.79
C GLY B 2 8.90 -5.27 -20.71
N SER B 3 8.23 -6.41 -20.83
CA SER B 3 7.22 -6.84 -19.86
C SER B 3 7.88 -7.28 -18.55
N HIS B 4 7.43 -6.73 -17.45
CA HIS B 4 7.92 -7.13 -16.15
C HIS B 4 6.92 -7.98 -15.33
N MET B 5 5.71 -7.43 -15.16
CA MET B 5 4.66 -8.04 -14.33
C MET B 5 4.23 -9.41 -14.85
N ARG B 6 4.21 -9.56 -16.15
CA ARG B 6 3.83 -10.83 -16.73
C ARG B 6 5.06 -11.62 -17.15
N SER B 7 6.24 -11.17 -16.69
CA SER B 7 7.48 -11.85 -17.00
C SER B 7 7.83 -12.91 -15.96
N LEU B 8 7.24 -12.78 -14.78
CA LEU B 8 7.50 -13.73 -13.70
C LEU B 8 6.26 -14.57 -13.41
N HIS B 9 5.09 -13.94 -13.62
CA HIS B 9 3.79 -14.57 -13.41
C HIS B 9 3.48 -14.77 -11.93
N LYS B 10 4.38 -15.45 -11.22
CA LYS B 10 4.21 -15.72 -9.81
C LYS B 10 3.90 -14.46 -9.01
N GLU B 11 4.56 -13.36 -9.37
CA GLU B 11 4.36 -12.08 -8.70
C GLU B 11 2.90 -11.64 -8.76
N LEU B 12 2.33 -11.69 -9.97
CA LEU B 12 0.95 -11.31 -10.19
C LEU B 12 0.00 -12.33 -9.54
N GLN B 13 0.45 -13.58 -9.50
CA GLN B 13 -0.34 -14.67 -8.92
C GLN B 13 -0.39 -14.55 -7.40
N GLN B 14 0.64 -13.93 -6.84
CA GLN B 14 0.73 -13.74 -5.40
C GLN B 14 -0.02 -12.47 -4.99
N TYR B 15 -0.24 -11.59 -5.96
CA TYR B 15 -0.91 -10.33 -5.71
C TYR B 15 -2.42 -10.49 -5.74
N ILE B 16 -2.92 -11.32 -6.65
CA ILE B 16 -4.35 -11.57 -6.80
C ILE B 16 -4.92 -12.42 -5.65
N SER B 17 -4.22 -12.45 -4.53
CA SER B 17 -4.67 -13.20 -3.37
C SER B 17 -5.29 -12.27 -2.32
N ASN B 18 -4.95 -10.98 -2.45
CA ASN B 18 -5.48 -9.96 -1.53
C ASN B 18 -6.92 -9.62 -1.88
N LEU B 19 -7.23 -9.68 -3.17
CA LEU B 19 -8.58 -9.39 -3.67
C LEU B 19 -8.94 -10.38 -4.77
N SER B 20 -10.11 -10.21 -5.37
CA SER B 20 -10.53 -11.10 -6.44
C SER B 20 -10.05 -10.57 -7.78
N TYR B 21 -9.90 -11.45 -8.76
CA TYR B 21 -9.47 -11.05 -10.09
C TYR B 21 -10.61 -10.39 -10.86
N ARG B 22 -11.84 -10.65 -10.41
CA ARG B 22 -13.04 -10.10 -11.06
C ARG B 22 -12.99 -8.56 -11.09
N VAL B 23 -12.78 -7.97 -9.92
CA VAL B 23 -12.70 -6.50 -9.73
C VAL B 23 -13.92 -5.78 -10.31
N LYS B 24 -15.03 -6.50 -10.44
CA LYS B 24 -16.26 -5.94 -11.00
C LYS B 24 -17.26 -5.58 -9.90
N LYS B 25 -17.58 -4.28 -9.82
CA LYS B 25 -18.54 -3.73 -8.85
C LYS B 25 -18.06 -3.80 -7.41
N VAL B 26 -17.01 -4.61 -7.16
CA VAL B 26 -16.41 -4.77 -5.83
C VAL B 26 -17.44 -4.88 -4.69
N SER B 27 -18.54 -5.58 -4.94
CA SER B 27 -19.60 -5.73 -3.96
C SER B 27 -19.20 -6.70 -2.84
N GLU B 28 -18.23 -7.57 -3.11
CA GLU B 28 -17.78 -8.53 -2.11
C GLU B 28 -16.65 -7.96 -1.25
N GLU B 29 -15.89 -7.04 -1.79
CA GLU B 29 -14.77 -6.45 -1.07
C GLU B 29 -15.18 -5.16 -0.36
N ALA B 30 -16.06 -4.38 -1.01
CA ALA B 30 -16.59 -3.12 -0.45
C ALA B 30 -15.52 -2.01 -0.39
N LEU B 31 -15.54 -1.13 -1.39
CA LEU B 31 -14.58 -0.01 -1.44
C LEU B 31 -15.09 1.16 -0.61
N MET B 32 -15.34 0.91 0.66
CA MET B 32 -15.85 1.94 1.56
C MET B 32 -14.81 2.28 2.63
N GLN B 33 -13.55 2.10 2.27
CA GLN B 33 -12.45 2.38 3.18
C GLN B 33 -11.11 2.20 2.46
N MET B 34 -11.15 1.46 1.37
CA MET B 34 -9.97 1.19 0.55
C MET B 34 -9.94 2.00 -0.79
N PRO B 35 -8.74 2.09 -1.44
CA PRO B 35 -8.55 2.77 -2.74
C PRO B 35 -9.65 2.45 -3.77
N ILE B 36 -10.09 3.48 -4.50
CA ILE B 36 -11.17 3.38 -5.47
C ILE B 36 -10.70 3.08 -6.90
N GLY B 37 -9.69 2.24 -7.02
CA GLY B 37 -9.17 1.89 -8.33
C GLY B 37 -7.68 1.68 -8.26
N ILE B 38 -7.16 0.74 -9.05
CA ILE B 38 -5.73 0.46 -9.00
C ILE B 38 -5.18 0.15 -10.39
N LEU B 39 -3.92 0.47 -10.62
CA LEU B 39 -3.26 0.22 -11.90
C LEU B 39 -1.88 -0.41 -11.68
N LEU B 40 -1.58 -1.48 -12.42
CA LEU B 40 -0.32 -2.17 -12.32
C LEU B 40 0.33 -2.27 -13.70
N LEU B 41 1.61 -1.90 -13.78
CA LEU B 41 2.35 -1.90 -15.04
C LEU B 41 3.66 -2.66 -14.90
N ASP B 42 4.45 -2.62 -15.96
CA ASP B 42 5.73 -3.31 -15.98
C ASP B 42 6.82 -2.39 -15.46
N GLU B 43 7.99 -2.45 -16.08
CA GLU B 43 9.12 -1.61 -15.68
C GLU B 43 9.54 -0.74 -16.86
N GLU B 44 8.79 -0.81 -17.96
CA GLU B 44 9.18 -0.10 -19.18
C GLU B 44 8.30 1.07 -19.60
N ASP B 45 7.04 1.13 -19.15
CA ASP B 45 6.01 2.11 -19.63
C ASP B 45 4.83 1.43 -20.37
N LYS B 46 4.46 0.24 -19.95
CA LYS B 46 3.29 -0.44 -20.49
C LYS B 46 2.48 -0.93 -19.31
N ILE B 47 1.20 -0.63 -19.31
CA ILE B 47 0.31 -1.06 -18.25
C ILE B 47 -0.08 -2.51 -18.48
N GLU B 48 -0.07 -3.32 -17.43
CA GLU B 48 -0.42 -4.72 -17.57
C GLU B 48 -1.84 -4.98 -17.10
N TRP B 49 -2.13 -4.71 -15.83
CA TRP B 49 -3.47 -4.96 -15.30
C TRP B 49 -3.94 -3.77 -14.48
N SER B 50 -5.24 -3.55 -14.45
CA SER B 50 -5.80 -2.44 -13.70
C SER B 50 -7.26 -2.70 -13.35
N ASN B 51 -7.68 -2.16 -12.22
CA ASN B 51 -9.05 -2.29 -11.76
C ASN B 51 -9.87 -1.20 -12.43
N ARG B 52 -10.91 -1.62 -13.15
CA ARG B 52 -11.78 -0.71 -13.92
C ARG B 52 -12.22 0.51 -13.12
N PHE B 53 -12.57 0.28 -11.86
CA PHE B 53 -12.98 1.37 -10.98
C PHE B 53 -12.11 2.63 -11.12
N LEU B 54 -10.81 2.47 -11.37
CA LEU B 54 -9.95 3.64 -11.48
C LEU B 54 -10.28 4.46 -12.72
N ALA B 55 -10.42 3.78 -13.85
CA ALA B 55 -10.80 4.46 -15.09
C ALA B 55 -12.17 5.11 -14.96
N ALA B 56 -13.10 4.41 -14.36
CA ALA B 56 -14.44 4.93 -14.17
C ALA B 56 -14.40 6.22 -13.36
N CYS B 57 -13.54 6.26 -12.34
CA CYS B 57 -13.39 7.44 -11.52
C CYS B 57 -12.88 8.62 -12.35
N PHE B 58 -11.96 8.33 -13.27
CA PHE B 58 -11.39 9.35 -14.14
C PHE B 58 -12.31 9.64 -15.32
N LYS B 59 -13.35 8.82 -15.46
CA LYS B 59 -14.34 8.97 -16.53
C LYS B 59 -13.73 8.68 -17.89
N GLU B 60 -13.25 7.45 -18.04
CA GLU B 60 -12.66 7.01 -19.30
C GLU B 60 -13.40 5.79 -19.85
N GLN B 61 -13.01 5.37 -21.03
CA GLN B 61 -13.60 4.21 -21.68
C GLN B 61 -12.68 3.02 -21.51
N THR B 62 -11.40 3.30 -21.38
CA THR B 62 -10.37 2.28 -21.19
C THR B 62 -9.06 2.93 -20.81
N LEU B 63 -8.43 2.44 -19.75
CA LEU B 63 -7.17 2.99 -19.28
C LEU B 63 -5.98 2.11 -19.66
N ILE B 64 -6.24 0.84 -19.96
CA ILE B 64 -5.15 -0.06 -20.34
C ILE B 64 -4.72 0.20 -21.78
N GLY B 65 -3.43 0.43 -21.97
CA GLY B 65 -2.91 0.70 -23.30
C GLY B 65 -3.00 2.17 -23.64
N ARG B 66 -3.35 2.97 -22.65
CA ARG B 66 -3.50 4.42 -22.80
C ARG B 66 -2.23 5.14 -22.34
N SER B 67 -1.14 4.39 -22.24
CA SER B 67 0.15 4.92 -21.79
C SER B 67 0.04 5.60 -20.41
N LEU B 68 1.13 6.23 -20.00
CA LEU B 68 1.16 6.93 -18.73
C LEU B 68 1.08 8.44 -18.97
N ALA B 69 1.90 8.92 -19.88
CA ALA B 69 1.95 10.36 -20.22
C ALA B 69 0.62 10.84 -20.76
N GLU B 70 -0.07 9.98 -21.48
CA GLU B 70 -1.36 10.32 -22.03
C GLU B 70 -2.35 10.62 -20.91
N LEU B 71 -2.33 9.79 -19.89
CA LEU B 71 -3.21 9.98 -18.74
C LEU B 71 -2.74 11.15 -17.89
N SER B 72 -1.48 11.13 -17.48
CA SER B 72 -0.94 12.20 -16.67
C SER B 72 0.54 12.44 -17.01
N GLU B 73 0.80 13.55 -17.68
CA GLU B 73 2.16 13.92 -18.08
C GLU B 73 3.14 14.06 -16.89
N PRO B 74 2.74 14.64 -15.72
CA PRO B 74 3.64 14.80 -14.57
C PRO B 74 4.31 13.48 -14.15
N LEU B 75 3.54 12.41 -14.08
CA LEU B 75 4.08 11.13 -13.66
C LEU B 75 4.83 10.41 -14.78
N ALA B 76 4.80 10.97 -15.99
CA ALA B 76 5.49 10.37 -17.13
C ALA B 76 7.00 10.39 -16.90
N ALA B 77 7.51 11.53 -16.46
CA ALA B 77 8.94 11.65 -16.18
C ALA B 77 9.31 10.85 -14.94
N PHE B 78 8.34 10.75 -14.03
CA PHE B 78 8.51 10.02 -12.79
C PHE B 78 8.71 8.52 -13.06
N VAL B 79 7.85 7.95 -13.91
CA VAL B 79 7.92 6.54 -14.26
C VAL B 79 9.16 6.22 -15.08
N LYS B 80 9.82 7.27 -15.58
CA LYS B 80 11.03 7.08 -16.38
C LYS B 80 12.28 6.97 -15.51
N LYS B 81 12.40 7.80 -14.48
CA LYS B 81 13.59 7.76 -13.63
C LYS B 81 13.34 6.97 -12.35
N GLY B 82 12.13 7.08 -11.81
CA GLY B 82 11.80 6.38 -10.58
C GLY B 82 12.71 6.73 -9.42
N LYS B 83 13.18 7.97 -9.37
CA LYS B 83 14.09 8.43 -8.31
C LYS B 83 13.34 8.88 -7.07
N THR B 84 12.47 8.02 -6.58
CA THR B 84 11.68 8.27 -5.39
C THR B 84 10.86 7.02 -5.07
N ASP B 85 10.03 7.09 -4.05
CA ASP B 85 9.20 5.95 -3.69
C ASP B 85 7.79 6.16 -4.22
N GLU B 86 7.07 7.12 -3.69
CA GLU B 86 5.72 7.37 -4.15
C GLU B 86 5.41 8.85 -4.24
N GLU B 87 4.61 9.20 -5.24
CA GLU B 87 4.15 10.57 -5.42
C GLU B 87 2.63 10.58 -5.25
N ILE B 88 2.13 11.40 -4.34
CA ILE B 88 0.69 11.47 -4.09
C ILE B 88 0.07 12.74 -4.62
N ILE B 89 -0.36 12.72 -5.87
CA ILE B 89 -1.00 13.89 -6.47
C ILE B 89 -2.50 13.87 -6.27
N GLU B 90 -3.21 14.73 -7.00
CA GLU B 90 -4.65 14.81 -6.89
C GLU B 90 -5.29 14.90 -8.28
N LEU B 91 -6.30 14.08 -8.53
CA LEU B 91 -7.01 14.07 -9.80
C LEU B 91 -8.45 13.62 -9.59
N ASN B 92 -9.37 14.25 -10.31
CA ASN B 92 -10.80 13.94 -10.22
C ASN B 92 -11.35 14.14 -8.81
N GLY B 93 -10.65 14.90 -8.00
CA GLY B 93 -11.10 15.16 -6.64
C GLY B 93 -10.55 14.19 -5.60
N LYS B 94 -9.81 13.18 -6.04
CA LYS B 94 -9.24 12.21 -5.13
C LYS B 94 -7.73 12.27 -5.22
N GLN B 95 -7.04 11.77 -4.21
CA GLN B 95 -5.59 11.76 -4.26
C GLN B 95 -5.18 10.63 -5.20
N LEU B 96 -4.00 10.69 -5.78
CA LEU B 96 -3.55 9.65 -6.67
C LEU B 96 -2.14 9.24 -6.29
N LYS B 97 -2.01 8.04 -5.75
CA LYS B 97 -0.73 7.53 -5.31
C LYS B 97 -0.02 6.76 -6.41
N VAL B 98 1.25 7.06 -6.60
CA VAL B 98 2.06 6.33 -7.56
C VAL B 98 3.27 5.78 -6.80
N ILE B 99 3.08 4.56 -6.29
CA ILE B 99 4.15 3.91 -5.52
C ILE B 99 5.05 3.07 -6.39
N VAL B 100 6.33 3.29 -6.18
CA VAL B 100 7.38 2.56 -6.85
C VAL B 100 8.47 2.26 -5.83
N HIS B 101 9.24 1.27 -6.12
CA HIS B 101 10.28 0.82 -5.24
C HIS B 101 11.60 0.73 -6.01
N ARG B 102 12.05 -0.47 -6.05
CA ARG B 102 13.24 -0.96 -6.68
C ARG B 102 12.74 -1.83 -7.83
N HIS B 103 13.00 -3.10 -7.79
CA HIS B 103 12.49 -4.10 -8.79
C HIS B 103 11.10 -3.83 -9.41
N GLU B 104 10.63 -2.63 -9.46
CA GLU B 104 9.29 -2.21 -9.85
C GLU B 104 8.25 -3.29 -10.22
N ARG B 105 8.14 -4.33 -9.38
CA ARG B 105 7.14 -5.39 -9.56
C ARG B 105 5.91 -5.10 -8.68
N LEU B 106 6.10 -4.19 -7.73
CA LEU B 106 5.07 -3.78 -6.77
C LEU B 106 4.62 -2.34 -6.99
N LEU B 107 5.16 -1.72 -8.03
CA LEU B 107 4.82 -0.33 -8.34
C LEU B 107 3.34 -0.24 -8.76
N TYR B 108 2.56 0.55 -8.04
CA TYR B 108 1.14 0.67 -8.37
C TYR B 108 0.61 2.08 -8.20
N PHE B 109 -0.31 2.43 -9.09
CA PHE B 109 -0.95 3.73 -9.09
C PHE B 109 -2.41 3.55 -8.69
N PHE B 110 -2.84 4.17 -7.60
CA PHE B 110 -4.21 4.03 -7.16
C PHE B 110 -4.82 5.33 -6.66
N ASP B 111 -6.15 5.33 -6.62
CA ASP B 111 -6.96 6.47 -6.22
C ASP B 111 -7.14 6.54 -4.71
N VAL B 112 -7.16 7.77 -4.18
CA VAL B 112 -7.39 7.95 -2.76
C VAL B 112 -8.41 9.05 -2.42
N THR B 113 -9.65 8.87 -2.89
CA THR B 113 -10.80 9.74 -2.54
C THR B 113 -10.50 10.76 -1.44
N ARG A 1 -8.64 -1.78 23.83
CA ARG A 1 -9.61 -2.66 24.49
C ARG A 1 -10.47 -3.40 23.45
N GLY A 2 -11.18 -2.65 22.61
CA GLY A 2 -12.02 -3.27 21.61
C GLY A 2 -11.30 -3.48 20.30
N SER A 3 -10.42 -4.47 20.26
CA SER A 3 -9.66 -4.78 19.06
C SER A 3 -10.56 -5.33 17.97
N HIS A 4 -10.86 -4.46 17.00
CA HIS A 4 -11.75 -4.84 15.90
C HIS A 4 -11.10 -5.85 14.98
N MET A 5 -9.79 -5.81 14.91
CA MET A 5 -9.04 -6.72 14.06
C MET A 5 -9.29 -8.16 14.52
N ARG A 6 -9.59 -8.32 15.80
CA ARG A 6 -9.83 -9.66 16.35
C ARG A 6 -11.29 -9.80 16.80
N SER A 7 -12.12 -8.85 16.37
CA SER A 7 -13.54 -8.86 16.68
C SER A 7 -14.35 -9.33 15.49
N LEU A 8 -13.70 -9.48 14.35
CA LEU A 8 -14.36 -9.90 13.13
C LEU A 8 -13.79 -11.25 12.69
N HIS A 9 -12.59 -11.53 13.19
CA HIS A 9 -11.85 -12.78 12.91
C HIS A 9 -11.48 -12.94 11.44
N LYS A 10 -12.49 -13.23 10.63
CA LYS A 10 -12.32 -13.47 9.20
C LYS A 10 -11.46 -12.41 8.52
N GLU A 11 -11.65 -11.15 8.90
CA GLU A 11 -10.88 -10.04 8.33
C GLU A 11 -9.37 -10.26 8.46
N LEU A 12 -8.92 -10.47 9.70
CA LEU A 12 -7.50 -10.72 9.96
C LEU A 12 -7.07 -12.05 9.35
N GLN A 13 -7.91 -13.06 9.53
CA GLN A 13 -7.61 -14.40 9.02
C GLN A 13 -7.50 -14.41 7.50
N GLN A 14 -8.13 -13.42 6.86
CA GLN A 14 -8.10 -13.32 5.41
C GLN A 14 -6.82 -12.61 4.97
N TYR A 15 -6.57 -11.44 5.56
CA TYR A 15 -5.39 -10.64 5.25
C TYR A 15 -4.08 -11.42 5.38
N ILE A 16 -4.04 -12.40 6.28
CA ILE A 16 -2.86 -13.21 6.49
C ILE A 16 -2.81 -14.45 5.59
N SER A 17 -3.12 -14.27 4.31
CA SER A 17 -3.07 -15.38 3.38
C SER A 17 -1.75 -15.37 2.61
N ASN A 18 -1.69 -14.52 1.59
CA ASN A 18 -0.49 -14.34 0.76
C ASN A 18 0.80 -14.31 1.57
N LEU A 19 0.88 -13.46 2.59
CA LEU A 19 2.08 -13.37 3.42
C LEU A 19 1.97 -14.32 4.61
N SER A 20 3.06 -14.99 4.93
CA SER A 20 3.04 -15.92 6.06
C SER A 20 3.04 -15.16 7.38
N TYR A 21 2.28 -15.69 8.35
CA TYR A 21 2.16 -15.08 9.67
C TYR A 21 3.48 -15.17 10.42
N ARG A 22 4.38 -16.03 9.92
CA ARG A 22 5.71 -16.21 10.53
C ARG A 22 6.45 -14.89 10.58
N VAL A 23 6.38 -14.18 9.46
CA VAL A 23 7.04 -12.88 9.24
C VAL A 23 8.45 -12.84 9.84
N LYS A 24 9.21 -13.88 9.54
CA LYS A 24 10.57 -14.00 10.04
C LYS A 24 11.50 -14.45 8.92
N LYS A 25 12.67 -13.83 8.89
CA LYS A 25 13.74 -14.15 7.92
C LYS A 25 13.43 -13.69 6.48
N VAL A 26 12.14 -13.59 6.15
CA VAL A 26 11.66 -13.15 4.83
C VAL A 26 12.33 -13.92 3.67
N SER A 27 12.88 -15.10 3.98
CA SER A 27 13.58 -15.89 3.00
C SER A 27 12.66 -16.52 1.95
N GLU A 28 11.42 -16.82 2.33
CA GLU A 28 10.47 -17.44 1.39
C GLU A 28 9.55 -16.40 0.76
N GLU A 29 9.81 -15.14 1.08
CA GLU A 29 9.03 -14.03 0.56
C GLU A 29 9.90 -13.19 -0.39
N ALA A 30 11.21 -13.19 -0.10
CA ALA A 30 12.23 -12.46 -0.87
C ALA A 30 12.03 -10.95 -0.82
N LEU A 31 12.68 -10.29 0.13
CA LEU A 31 12.57 -8.85 0.28
C LEU A 31 13.48 -8.13 -0.70
N MET A 32 13.05 -8.07 -1.94
CA MET A 32 13.81 -7.41 -2.97
C MET A 32 13.02 -6.26 -3.57
N GLN A 33 11.94 -5.87 -2.88
CA GLN A 33 11.06 -4.79 -3.36
C GLN A 33 9.77 -4.71 -2.56
N MET A 34 9.88 -4.89 -1.25
CA MET A 34 8.73 -4.83 -0.34
C MET A 34 9.09 -4.19 1.01
N PRO A 35 8.09 -3.76 1.79
CA PRO A 35 8.34 -3.21 3.14
C PRO A 35 9.14 -4.16 4.04
N ILE A 36 10.23 -3.65 4.60
CA ILE A 36 11.10 -4.42 5.48
C ILE A 36 10.64 -4.26 6.94
N GLY A 37 9.37 -3.94 7.10
CA GLY A 37 8.81 -3.77 8.41
C GLY A 37 7.44 -3.17 8.33
N ILE A 38 6.47 -3.79 9.00
CA ILE A 38 5.08 -3.32 8.98
C ILE A 38 4.46 -3.29 10.38
N LEU A 39 3.51 -2.38 10.58
CA LEU A 39 2.81 -2.25 11.85
C LEU A 39 1.33 -1.95 11.62
N LEU A 40 0.47 -2.83 12.12
CA LEU A 40 -1.00 -2.65 12.00
C LEU A 40 -1.58 -2.49 13.40
N LEU A 41 -2.42 -1.51 13.59
CA LEU A 41 -3.00 -1.23 14.90
C LEU A 41 -4.51 -1.36 14.91
N ASP A 42 -5.10 -0.96 16.01
CA ASP A 42 -6.54 -1.04 16.18
C ASP A 42 -7.21 0.27 15.76
N GLU A 43 -8.32 0.60 16.39
CA GLU A 43 -9.08 1.79 16.06
C GLU A 43 -9.22 2.67 17.30
N GLU A 44 -8.66 2.16 18.41
CA GLU A 44 -8.72 2.87 19.68
C GLU A 44 -7.44 3.68 19.91
N ASP A 45 -6.38 3.21 19.23
CA ASP A 45 -5.01 3.77 19.29
C ASP A 45 -4.09 2.91 20.13
N LYS A 46 -3.65 1.83 19.51
CA LYS A 46 -2.77 0.84 20.15
C LYS A 46 -2.31 -0.16 19.08
N ILE A 47 -1.07 -0.61 19.16
CA ILE A 47 -0.53 -1.58 18.20
C ILE A 47 -1.25 -2.91 18.33
N GLU A 48 -1.52 -3.55 17.20
CA GLU A 48 -2.18 -4.85 17.21
C GLU A 48 -1.21 -5.94 16.76
N TRP A 49 -0.79 -5.88 15.50
CA TRP A 49 0.14 -6.87 14.96
C TRP A 49 1.16 -6.15 14.11
N SER A 50 2.38 -6.63 14.11
CA SER A 50 3.43 -6.01 13.32
C SER A 50 4.49 -7.02 12.92
N ASN A 51 5.18 -6.72 11.83
CA ASN A 51 6.24 -7.56 11.33
C ASN A 51 7.50 -7.23 12.10
N ARG A 52 8.07 -8.23 12.80
CA ARG A 52 9.27 -8.05 13.65
C ARG A 52 10.36 -7.27 12.94
N PHE A 53 10.55 -7.61 11.67
CA PHE A 53 11.55 -6.97 10.79
C PHE A 53 11.69 -5.47 11.08
N LEU A 54 10.55 -4.80 11.32
CA LEU A 54 10.60 -3.35 11.55
C LEU A 54 11.41 -2.98 12.79
N ALA A 55 11.00 -3.48 13.96
CA ALA A 55 11.72 -3.27 15.21
C ALA A 55 13.24 -3.44 15.06
N ALA A 56 13.67 -4.53 14.42
CA ALA A 56 15.10 -4.78 14.25
C ALA A 56 15.78 -3.65 13.49
N CYS A 57 15.08 -3.10 12.51
CA CYS A 57 15.56 -2.01 11.69
C CYS A 57 15.28 -0.64 12.34
N PHE A 58 14.77 -0.67 13.56
CA PHE A 58 14.42 0.55 14.27
C PHE A 58 15.21 0.67 15.57
N LYS A 59 15.97 -0.39 15.88
CA LYS A 59 16.82 -0.44 17.07
C LYS A 59 15.98 -0.50 18.34
N GLU A 60 15.25 -1.61 18.50
CA GLU A 60 14.42 -1.84 19.65
C GLU A 60 14.52 -3.29 20.06
N GLN A 61 13.93 -3.59 21.19
CA GLN A 61 13.91 -4.94 21.72
C GLN A 61 12.48 -5.45 21.65
N THR A 62 11.53 -4.53 21.81
CA THR A 62 10.13 -4.87 21.73
C THR A 62 9.30 -3.63 21.35
N LEU A 63 8.65 -3.72 20.21
CA LEU A 63 7.83 -2.60 19.73
C LEU A 63 6.39 -2.74 20.22
N ILE A 64 5.94 -3.98 20.33
CA ILE A 64 4.58 -4.25 20.79
C ILE A 64 4.37 -3.74 22.21
N GLY A 65 3.28 -3.02 22.40
CA GLY A 65 2.97 -2.48 23.71
C GLY A 65 3.62 -1.12 23.94
N ARG A 66 4.35 -0.61 22.96
CA ARG A 66 5.03 0.67 23.08
C ARG A 66 4.12 1.79 22.59
N SER A 67 2.81 1.50 22.59
CA SER A 67 1.79 2.46 22.16
C SER A 67 2.14 3.05 20.78
N LEU A 68 1.66 4.25 20.52
CA LEU A 68 1.93 4.92 19.27
C LEU A 68 2.84 6.13 19.50
N ALA A 69 2.52 6.92 20.53
CA ALA A 69 3.27 8.12 20.84
C ALA A 69 4.69 7.80 21.27
N GLU A 70 4.86 6.70 22.02
CA GLU A 70 6.17 6.29 22.51
C GLU A 70 7.09 5.93 21.35
N LEU A 71 6.52 5.35 20.31
CA LEU A 71 7.28 4.98 19.12
C LEU A 71 7.79 6.20 18.38
N SER A 72 6.87 7.10 18.02
CA SER A 72 7.24 8.31 17.31
C SER A 72 6.35 9.49 17.68
N GLU A 73 6.96 10.66 17.85
CA GLU A 73 6.24 11.87 18.23
C GLU A 73 5.43 12.47 17.06
N PRO A 74 6.06 12.68 15.87
CA PRO A 74 5.37 13.27 14.72
C PRO A 74 4.06 12.58 14.35
N LEU A 75 4.08 11.26 14.21
CA LEU A 75 2.88 10.51 13.84
C LEU A 75 1.93 10.33 15.03
N ALA A 76 2.37 10.68 16.24
CA ALA A 76 1.56 10.53 17.43
C ALA A 76 0.32 11.41 17.32
N ALA A 77 0.53 12.68 16.99
CA ALA A 77 -0.56 13.63 16.87
C ALA A 77 -1.43 13.31 15.66
N PHE A 78 -0.81 12.72 14.65
CA PHE A 78 -1.49 12.38 13.41
C PHE A 78 -2.50 11.24 13.60
N VAL A 79 -2.09 10.17 14.29
CA VAL A 79 -2.97 9.02 14.47
C VAL A 79 -4.19 9.33 15.35
N LYS A 80 -4.09 10.38 16.16
CA LYS A 80 -5.19 10.75 17.03
C LYS A 80 -6.27 11.48 16.27
N LYS A 81 -5.90 12.10 15.14
CA LYS A 81 -6.90 12.81 14.36
C LYS A 81 -7.25 12.06 13.08
N GLY A 82 -6.25 11.57 12.37
CA GLY A 82 -6.52 10.86 11.14
C GLY A 82 -7.11 11.76 10.07
N LYS A 83 -6.74 13.04 10.09
CA LYS A 83 -7.23 13.99 9.10
C LYS A 83 -6.25 14.08 7.95
N THR A 84 -6.21 12.99 7.19
CA THR A 84 -5.33 12.87 6.04
C THR A 84 -5.44 11.44 5.54
N ASP A 85 -4.49 11.02 4.70
CA ASP A 85 -4.50 9.65 4.19
C ASP A 85 -3.11 9.00 4.27
N GLU A 86 -2.17 9.49 3.47
CA GLU A 86 -0.83 8.92 3.43
C GLU A 86 0.25 9.98 3.64
N GLU A 87 1.39 9.53 4.18
CA GLU A 87 2.54 10.40 4.44
C GLU A 87 3.81 9.56 4.52
N ILE A 88 4.85 10.06 3.91
CA ILE A 88 6.14 9.37 3.88
C ILE A 88 7.24 10.18 4.60
N ILE A 89 7.44 9.94 5.88
CA ILE A 89 8.49 10.64 6.62
C ILE A 89 9.78 9.80 6.60
N GLU A 90 10.76 10.10 7.45
CA GLU A 90 12.00 9.35 7.46
C GLU A 90 12.49 9.12 8.88
N LEU A 91 13.00 7.93 9.13
CA LEU A 91 13.52 7.57 10.43
C LEU A 91 14.55 6.46 10.29
N ASN A 92 15.63 6.61 11.05
CA ASN A 92 16.71 5.63 11.06
C ASN A 92 17.38 5.48 9.68
N GLY A 93 17.09 6.43 8.77
CA GLY A 93 17.70 6.38 7.44
C GLY A 93 16.77 5.80 6.39
N LYS A 94 15.65 5.24 6.83
CA LYS A 94 14.70 4.65 5.93
C LYS A 94 13.41 5.46 5.98
N GLN A 95 12.64 5.47 4.92
CA GLN A 95 11.42 6.26 4.93
C GLN A 95 10.38 5.58 5.81
N LEU A 96 9.41 6.34 6.31
CA LEU A 96 8.35 5.75 7.13
C LEU A 96 7.01 6.12 6.54
N LYS A 97 6.38 5.14 5.95
CA LYS A 97 5.09 5.30 5.31
C LYS A 97 3.95 5.13 6.29
N VAL A 98 3.05 6.08 6.29
CA VAL A 98 1.85 6.02 7.11
C VAL A 98 0.65 6.04 6.18
N ILE A 99 -0.36 5.20 6.45
CA ILE A 99 -1.53 5.09 5.58
C ILE A 99 -2.82 4.88 6.38
N VAL A 100 -3.76 5.76 6.17
CA VAL A 100 -5.06 5.69 6.81
C VAL A 100 -6.13 6.07 5.79
N HIS A 101 -7.34 5.56 5.93
CA HIS A 101 -8.41 5.84 4.97
C HIS A 101 -9.60 6.52 5.68
N ARG A 102 -10.81 6.23 5.25
CA ARG A 102 -12.07 6.75 5.76
C ARG A 102 -12.41 6.03 7.06
N HIS A 103 -12.79 4.76 6.87
CA HIS A 103 -13.20 3.92 8.00
C HIS A 103 -12.04 3.53 8.92
N GLU A 104 -10.87 4.16 8.66
CA GLU A 104 -9.62 3.86 9.37
C GLU A 104 -9.52 2.54 10.12
N ARG A 105 -9.91 1.43 9.46
CA ARG A 105 -9.79 0.11 10.07
C ARG A 105 -8.65 -0.68 9.41
N LEU A 106 -8.27 -0.22 8.25
CA LEU A 106 -7.19 -0.79 7.45
C LEU A 106 -5.96 0.11 7.47
N LEU A 107 -5.85 0.89 8.53
CA LEU A 107 -4.73 1.83 8.68
C LEU A 107 -3.47 1.11 9.16
N TYR A 108 -2.33 1.47 8.59
CA TYR A 108 -1.08 0.84 8.98
C TYR A 108 0.11 1.68 8.52
N PHE A 109 1.28 1.38 9.06
CA PHE A 109 2.50 2.12 8.71
C PHE A 109 3.64 1.15 8.47
N PHE A 110 4.61 1.52 7.63
CA PHE A 110 5.74 0.64 7.36
C PHE A 110 7.00 1.43 7.02
N ASP A 111 8.11 0.72 6.90
CA ASP A 111 9.41 1.31 6.59
C ASP A 111 9.69 1.26 5.09
N VAL A 112 10.56 2.13 4.62
CA VAL A 112 10.92 2.17 3.20
C VAL A 112 12.34 2.67 2.94
N THR A 113 13.32 1.96 3.51
CA THR A 113 14.77 2.18 3.29
C THR A 113 15.09 3.35 2.35
N ARG B 1 6.36 -4.93 -24.07
CA ARG B 1 6.69 -6.15 -24.82
C ARG B 1 6.88 -7.34 -23.90
N GLY B 2 7.85 -7.27 -22.99
CA GLY B 2 8.13 -8.38 -22.09
C GLY B 2 7.42 -8.27 -20.76
N SER B 3 6.10 -8.36 -20.76
CA SER B 3 5.30 -8.30 -19.54
C SER B 3 5.76 -9.36 -18.53
N HIS B 4 6.52 -8.91 -17.54
CA HIS B 4 7.06 -9.79 -16.51
C HIS B 4 5.96 -10.28 -15.55
N MET B 5 4.90 -9.48 -15.42
CA MET B 5 3.77 -9.84 -14.57
C MET B 5 3.15 -11.16 -15.04
N ARG B 6 3.34 -11.45 -16.33
CA ARG B 6 2.82 -12.69 -16.90
C ARG B 6 3.99 -13.56 -17.38
N SER B 7 5.18 -13.23 -16.91
CA SER B 7 6.40 -13.97 -17.24
C SER B 7 6.77 -14.92 -16.11
N LEU B 8 6.03 -14.80 -15.02
CA LEU B 8 6.25 -15.60 -13.82
C LEU B 8 5.00 -16.40 -13.46
N HIS B 9 3.86 -15.90 -13.95
CA HIS B 9 2.55 -16.52 -13.74
C HIS B 9 2.09 -16.49 -12.27
N LYS B 10 2.69 -17.36 -11.46
CA LYS B 10 2.35 -17.50 -10.03
C LYS B 10 2.26 -16.18 -9.29
N GLU B 11 3.11 -15.22 -9.66
CA GLU B 11 3.11 -13.90 -9.01
C GLU B 11 1.74 -13.24 -9.13
N LEU B 12 1.26 -13.08 -10.37
CA LEU B 12 -0.04 -12.46 -10.59
C LEU B 12 -1.17 -13.37 -10.06
N GLN B 13 -1.03 -14.68 -10.27
CA GLN B 13 -2.02 -15.67 -9.83
C GLN B 13 -2.14 -15.69 -8.32
N GLN B 14 -1.10 -15.29 -7.63
CA GLN B 14 -1.09 -15.29 -6.18
C GLN B 14 -1.71 -13.98 -5.67
N TYR B 15 -1.24 -12.88 -6.25
CA TYR B 15 -1.74 -11.55 -5.93
C TYR B 15 -3.26 -11.46 -6.02
N ILE B 16 -3.82 -12.07 -7.06
CA ILE B 16 -5.27 -12.04 -7.29
C ILE B 16 -6.06 -13.05 -6.44
N SER B 17 -5.72 -13.16 -5.18
CA SER B 17 -6.42 -14.08 -4.30
C SER B 17 -7.46 -13.34 -3.48
N ASN B 18 -6.99 -12.68 -2.44
CA ASN B 18 -7.83 -11.89 -1.52
C ASN B 18 -8.90 -11.10 -2.27
N LEU B 19 -8.50 -10.37 -3.29
CA LEU B 19 -9.47 -9.59 -4.06
C LEU B 19 -9.91 -10.37 -5.29
N SER B 20 -11.17 -10.22 -5.70
CA SER B 20 -11.66 -10.94 -6.86
C SER B 20 -11.21 -10.27 -8.15
N TYR B 21 -10.72 -11.08 -9.09
CA TYR B 21 -10.27 -10.62 -10.39
C TYR B 21 -11.37 -9.84 -11.12
N ARG B 22 -12.62 -10.08 -10.72
CA ARG B 22 -13.76 -9.43 -11.34
C ARG B 22 -13.61 -7.92 -11.25
N VAL B 23 -13.19 -7.45 -10.06
CA VAL B 23 -13.01 -6.02 -9.75
C VAL B 23 -14.12 -5.16 -10.37
N LYS B 24 -15.35 -5.64 -10.21
CA LYS B 24 -16.53 -4.97 -10.74
C LYS B 24 -17.58 -4.77 -9.62
N LYS B 25 -18.16 -3.55 -9.57
CA LYS B 25 -19.21 -3.19 -8.60
C LYS B 25 -18.74 -3.12 -7.14
N VAL B 26 -17.66 -3.82 -6.80
CA VAL B 26 -17.08 -3.85 -5.45
C VAL B 26 -18.12 -4.17 -4.36
N SER B 27 -19.28 -4.68 -4.75
CA SER B 27 -20.35 -4.97 -3.80
C SER B 27 -19.96 -6.03 -2.78
N GLU B 28 -19.12 -6.97 -3.18
CA GLU B 28 -18.69 -8.03 -2.28
C GLU B 28 -17.34 -7.73 -1.63
N GLU B 29 -16.78 -6.59 -1.98
CA GLU B 29 -15.50 -6.13 -1.44
C GLU B 29 -15.72 -5.02 -0.41
N ALA B 30 -16.75 -4.21 -0.66
CA ALA B 30 -17.16 -3.11 0.23
C ALA B 30 -16.12 -2.00 0.29
N LEU B 31 -16.33 -0.96 -0.49
CA LEU B 31 -15.39 0.15 -0.49
C LEU B 31 -15.79 1.20 0.53
N MET B 32 -15.40 0.95 1.76
CA MET B 32 -15.67 1.87 2.86
C MET B 32 -14.37 2.28 3.53
N GLN B 33 -13.22 2.00 2.87
CA GLN B 33 -11.89 2.32 3.42
C GLN B 33 -10.75 1.72 2.59
N MET B 34 -10.92 1.77 1.26
CA MET B 34 -9.92 1.25 0.32
C MET B 34 -9.89 2.03 -1.00
N PRO B 35 -8.85 1.85 -1.82
CA PRO B 35 -8.73 2.49 -3.14
C PRO B 35 -9.93 2.27 -4.06
N ILE B 36 -10.39 3.34 -4.71
CA ILE B 36 -11.52 3.28 -5.63
C ILE B 36 -11.02 3.19 -7.07
N GLY B 37 -9.81 2.68 -7.22
CA GLY B 37 -9.23 2.53 -8.53
C GLY B 37 -7.75 2.23 -8.45
N ILE B 38 -7.31 1.15 -9.11
CA ILE B 38 -5.89 0.75 -9.04
C ILE B 38 -5.35 0.46 -10.44
N LEU B 39 -4.03 0.60 -10.61
CA LEU B 39 -3.38 0.36 -11.88
C LEU B 39 -1.99 -0.23 -11.66
N LEU B 40 -1.76 -1.44 -12.19
CA LEU B 40 -0.48 -2.12 -12.07
C LEU B 40 0.13 -2.26 -13.45
N LEU B 41 1.39 -1.90 -13.59
CA LEU B 41 2.05 -1.94 -14.90
C LEU B 41 3.19 -2.95 -14.94
N ASP B 42 3.89 -2.93 -16.06
CA ASP B 42 5.02 -3.84 -16.30
C ASP B 42 6.34 -3.20 -15.79
N GLU B 43 7.47 -3.54 -16.40
CA GLU B 43 8.77 -3.05 -15.97
C GLU B 43 9.45 -2.27 -17.11
N GLU B 44 8.82 -2.30 -18.27
CA GLU B 44 9.33 -1.62 -19.45
C GLU B 44 8.63 -0.26 -19.59
N ASP B 45 7.50 -0.17 -18.88
CA ASP B 45 6.64 1.03 -18.85
C ASP B 45 5.47 0.89 -19.79
N LYS B 46 4.44 0.21 -19.28
CA LYS B 46 3.20 -0.05 -20.00
C LYS B 46 2.17 -0.62 -19.03
N ILE B 47 0.91 -0.25 -19.18
CA ILE B 47 -0.17 -0.73 -18.30
C ILE B 47 -0.42 -2.23 -18.49
N GLU B 48 -0.45 -2.99 -17.40
CA GLU B 48 -0.70 -4.42 -17.49
C GLU B 48 -2.12 -4.73 -17.04
N TRP B 49 -2.43 -4.51 -15.76
CA TRP B 49 -3.75 -4.79 -15.26
C TRP B 49 -4.19 -3.68 -14.33
N SER B 50 -5.46 -3.32 -14.37
CA SER B 50 -5.99 -2.24 -13.54
C SER B 50 -7.44 -2.50 -13.16
N ASN B 51 -7.87 -1.89 -12.08
CA ASN B 51 -9.24 -1.99 -11.63
C ASN B 51 -10.06 -0.93 -12.36
N ARG B 52 -11.05 -1.37 -13.16
CA ARG B 52 -11.90 -0.46 -13.94
C ARG B 52 -12.34 0.73 -13.12
N PHE B 53 -12.64 0.47 -11.83
CA PHE B 53 -13.04 1.50 -10.87
C PHE B 53 -12.27 2.82 -11.11
N LEU B 54 -10.96 2.73 -11.45
CA LEU B 54 -10.18 3.96 -11.65
C LEU B 54 -10.66 4.77 -12.86
N ALA B 55 -10.63 4.15 -14.05
CA ALA B 55 -11.11 4.77 -15.30
C ALA B 55 -12.41 5.55 -15.13
N ALA B 56 -13.40 4.95 -14.48
CA ALA B 56 -14.67 5.62 -14.28
C ALA B 56 -14.49 6.89 -13.46
N CYS B 57 -13.73 6.78 -12.40
CA CYS B 57 -13.41 7.88 -11.50
C CYS B 57 -12.38 8.85 -12.11
N PHE B 58 -12.06 8.65 -13.37
CA PHE B 58 -11.10 9.50 -14.06
C PHE B 58 -11.71 10.13 -15.32
N LYS B 59 -12.91 9.68 -15.64
CA LYS B 59 -13.65 10.17 -16.80
C LYS B 59 -13.00 9.66 -18.09
N GLU B 60 -13.00 8.34 -18.25
CA GLU B 60 -12.41 7.69 -19.42
C GLU B 60 -13.24 6.48 -19.82
N GLN B 61 -13.09 6.03 -21.06
CA GLN B 61 -13.82 4.87 -21.56
C GLN B 61 -12.90 3.66 -21.60
N THR B 62 -11.62 3.93 -21.79
CA THR B 62 -10.63 2.88 -21.85
C THR B 62 -9.29 3.46 -21.40
N LEU B 63 -8.77 2.91 -20.31
CA LEU B 63 -7.51 3.38 -19.74
C LEU B 63 -6.35 2.46 -20.15
N ILE B 64 -6.66 1.22 -20.47
CA ILE B 64 -5.64 0.27 -20.87
C ILE B 64 -5.16 0.59 -22.27
N GLY B 65 -3.85 0.53 -22.49
CA GLY B 65 -3.30 0.82 -23.80
C GLY B 65 -2.99 2.30 -23.99
N ARG B 66 -3.44 3.12 -23.05
CA ARG B 66 -3.21 4.57 -23.12
C ARG B 66 -1.84 4.92 -22.54
N SER B 67 -0.93 3.96 -22.56
CA SER B 67 0.43 4.13 -22.02
C SER B 67 0.39 4.76 -20.62
N LEU B 68 1.47 5.37 -20.20
CA LEU B 68 1.51 6.01 -18.90
C LEU B 68 1.47 7.53 -19.05
N ALA B 69 2.26 8.03 -20.01
CA ALA B 69 2.34 9.45 -20.25
C ALA B 69 1.00 10.02 -20.70
N GLU B 70 0.28 9.27 -21.51
CA GLU B 70 -1.02 9.71 -22.00
C GLU B 70 -2.05 9.86 -20.89
N LEU B 71 -1.90 9.08 -19.82
CA LEU B 71 -2.81 9.17 -18.70
C LEU B 71 -2.55 10.43 -17.88
N SER B 72 -1.28 10.64 -17.52
CA SER B 72 -0.92 11.81 -16.71
C SER B 72 0.49 12.31 -17.04
N GLU B 73 0.63 13.62 -17.15
CA GLU B 73 1.91 14.25 -17.46
C GLU B 73 2.92 14.25 -16.29
N PRO B 74 2.52 14.67 -15.07
CA PRO B 74 3.44 14.70 -13.91
C PRO B 74 4.14 13.36 -13.64
N LEU B 75 3.36 12.30 -13.45
CA LEU B 75 3.92 10.99 -13.16
C LEU B 75 4.59 10.34 -14.37
N ALA B 76 4.39 10.93 -15.54
CA ALA B 76 4.98 10.38 -16.76
C ALA B 76 6.49 10.36 -16.67
N ALA B 77 7.06 11.51 -16.32
CA ALA B 77 8.51 11.62 -16.19
C ALA B 77 9.04 10.84 -14.99
N PHE B 78 8.18 10.69 -13.97
CA PHE B 78 8.55 9.99 -12.74
C PHE B 78 8.67 8.48 -12.98
N VAL B 79 7.72 7.88 -13.71
CA VAL B 79 7.74 6.43 -13.95
C VAL B 79 8.92 6.00 -14.83
N LYS B 80 9.51 6.93 -15.55
CA LYS B 80 10.63 6.60 -16.44
C LYS B 80 11.94 6.57 -15.67
N LYS B 81 11.96 7.19 -14.49
CA LYS B 81 13.18 7.21 -13.70
C LYS B 81 13.04 6.39 -12.42
N GLY B 82 11.88 6.51 -11.75
CA GLY B 82 11.65 5.74 -10.53
C GLY B 82 12.58 6.07 -9.39
N LYS B 83 13.19 7.25 -9.40
CA LYS B 83 14.12 7.64 -8.35
C LYS B 83 13.37 8.26 -7.16
N THR B 84 12.69 7.38 -6.41
CA THR B 84 11.90 7.77 -5.25
C THR B 84 11.10 6.53 -4.82
N ASP B 85 10.17 6.68 -3.89
CA ASP B 85 9.36 5.54 -3.50
C ASP B 85 7.90 5.75 -3.88
N GLU B 86 7.24 6.68 -3.22
CA GLU B 86 5.84 6.94 -3.51
C GLU B 86 5.52 8.43 -3.39
N GLU B 87 4.38 8.84 -3.95
CA GLU B 87 3.94 10.25 -3.92
C GLU B 87 2.41 10.34 -4.03
N ILE B 88 1.81 11.28 -3.32
CA ILE B 88 0.36 11.44 -3.34
C ILE B 88 -0.08 12.77 -3.95
N ILE B 89 -0.31 12.80 -5.26
CA ILE B 89 -0.75 14.01 -5.92
C ILE B 89 -2.28 14.09 -5.92
N GLU B 90 -2.85 14.96 -6.73
CA GLU B 90 -4.29 15.09 -6.79
C GLU B 90 -4.79 15.19 -8.22
N LEU B 91 -5.89 14.49 -8.53
CA LEU B 91 -6.47 14.53 -9.86
C LEU B 91 -7.93 14.18 -9.81
N ASN B 92 -8.74 14.92 -10.58
CA ASN B 92 -10.17 14.69 -10.63
C ASN B 92 -10.85 14.93 -9.28
N GLY B 93 -10.12 15.51 -8.34
CA GLY B 93 -10.68 15.78 -7.03
C GLY B 93 -10.29 14.76 -6.00
N LYS B 94 -9.68 13.67 -6.44
CA LYS B 94 -9.25 12.64 -5.54
C LYS B 94 -7.75 12.61 -5.52
N GLN B 95 -7.16 12.07 -4.47
CA GLN B 95 -5.71 12.03 -4.41
C GLN B 95 -5.21 10.90 -5.30
N LEU B 96 -3.99 11.00 -5.83
CA LEU B 96 -3.48 9.94 -6.68
C LEU B 96 -2.19 9.40 -6.08
N LYS B 97 -2.27 8.16 -5.64
CA LYS B 97 -1.15 7.48 -5.00
C LYS B 97 -0.30 6.70 -6.00
N VAL B 98 0.98 7.01 -6.01
CA VAL B 98 1.93 6.32 -6.85
C VAL B 98 2.91 5.61 -5.93
N ILE B 99 3.27 4.37 -6.24
CA ILE B 99 4.17 3.60 -5.37
C ILE B 99 5.14 2.71 -6.17
N VAL B 100 6.44 2.85 -5.90
CA VAL B 100 7.49 2.05 -6.53
C VAL B 100 8.56 1.73 -5.47
N HIS B 101 9.27 0.62 -5.63
CA HIS B 101 10.29 0.20 -4.66
C HIS B 101 11.67 0.07 -5.34
N ARG B 102 12.44 -0.93 -4.95
CA ARG B 102 13.78 -1.22 -5.46
C ARG B 102 13.59 -1.92 -6.79
N HIS B 103 13.33 -3.25 -6.67
CA HIS B 103 13.14 -4.08 -7.86
C HIS B 103 12.00 -3.58 -8.76
N GLU B 104 11.38 -2.47 -8.32
CA GLU B 104 10.21 -1.85 -8.97
C GLU B 104 9.36 -2.71 -9.90
N ARG B 105 9.11 -3.94 -9.46
CA ARG B 105 8.23 -4.82 -10.20
C ARG B 105 6.86 -4.87 -9.52
N LEU B 106 6.85 -4.44 -8.29
CA LEU B 106 5.67 -4.36 -7.45
C LEU B 106 5.16 -2.92 -7.40
N LEU B 107 5.48 -2.16 -8.44
CA LEU B 107 5.11 -0.76 -8.53
C LEU B 107 3.66 -0.60 -9.05
N TYR B 108 2.91 0.29 -8.42
CA TYR B 108 1.53 0.53 -8.83
C TYR B 108 1.01 1.88 -8.36
N PHE B 109 -0.10 2.32 -8.96
CA PHE B 109 -0.71 3.59 -8.62
C PHE B 109 -2.21 3.39 -8.41
N PHE B 110 -2.82 4.23 -7.58
CA PHE B 110 -4.24 4.13 -7.32
C PHE B 110 -4.80 5.50 -6.93
N ASP B 111 -6.12 5.57 -6.79
CA ASP B 111 -6.83 6.81 -6.43
C ASP B 111 -7.13 6.85 -4.93
N VAL B 112 -7.37 8.05 -4.41
CA VAL B 112 -7.69 8.22 -2.99
C VAL B 112 -8.63 9.39 -2.69
N THR B 113 -9.82 9.38 -3.29
CA THR B 113 -10.91 10.32 -3.01
C THR B 113 -10.53 11.49 -2.07
N ARG A 1 -8.70 -0.33 23.32
CA ARG A 1 -10.11 -0.77 23.48
C ARG A 1 -10.73 -1.04 22.11
N GLY A 2 -10.70 -0.04 21.23
CA GLY A 2 -11.25 -0.20 19.90
C GLY A 2 -10.27 -0.89 18.96
N SER A 3 -10.01 -2.16 19.22
CA SER A 3 -9.09 -2.94 18.39
C SER A 3 -9.75 -3.42 17.11
N HIS A 4 -9.76 -2.55 16.11
CA HIS A 4 -10.35 -2.84 14.81
C HIS A 4 -9.75 -4.12 14.21
N MET A 5 -8.44 -4.25 14.34
CA MET A 5 -7.72 -5.39 13.81
C MET A 5 -8.34 -6.73 14.24
N ARG A 6 -8.87 -6.78 15.45
CA ARG A 6 -9.49 -8.00 15.95
C ARG A 6 -10.99 -7.78 16.17
N SER A 7 -11.53 -6.72 15.61
CA SER A 7 -12.95 -6.43 15.77
C SER A 7 -13.75 -7.15 14.68
N LEU A 8 -13.04 -7.59 13.65
CA LEU A 8 -13.66 -8.29 12.54
C LEU A 8 -12.93 -9.59 12.27
N HIS A 9 -11.60 -9.55 12.48
CA HIS A 9 -10.71 -10.70 12.26
C HIS A 9 -10.49 -10.95 10.79
N LYS A 10 -11.57 -11.27 10.09
CA LYS A 10 -11.53 -11.56 8.65
C LYS A 10 -10.73 -10.52 7.89
N GLU A 11 -10.91 -9.24 8.24
CA GLU A 11 -10.20 -8.13 7.58
C GLU A 11 -8.69 -8.29 7.69
N LEU A 12 -8.20 -8.44 8.92
CA LEU A 12 -6.77 -8.62 9.16
C LEU A 12 -6.32 -9.92 8.50
N GLN A 13 -7.12 -10.97 8.69
CA GLN A 13 -6.83 -12.28 8.12
C GLN A 13 -6.82 -12.25 6.60
N GLN A 14 -7.42 -11.22 6.02
CA GLN A 14 -7.48 -11.07 4.58
C GLN A 14 -6.13 -10.57 4.05
N TYR A 15 -5.64 -9.51 4.67
CA TYR A 15 -4.37 -8.91 4.29
C TYR A 15 -3.20 -9.86 4.54
N ILE A 16 -3.25 -10.62 5.61
CA ILE A 16 -2.18 -11.55 5.94
C ILE A 16 -2.37 -12.93 5.30
N SER A 17 -2.69 -12.95 4.00
CA SER A 17 -2.92 -14.19 3.30
C SER A 17 -1.61 -14.79 2.81
N ASN A 18 -1.25 -14.52 1.55
CA ASN A 18 0.00 -15.00 0.95
C ASN A 18 1.19 -15.08 1.94
N LEU A 19 1.59 -13.96 2.54
CA LEU A 19 2.69 -13.97 3.51
C LEU A 19 2.30 -14.74 4.78
N SER A 20 3.23 -15.53 5.30
CA SER A 20 2.98 -16.33 6.50
C SER A 20 3.06 -15.48 7.77
N TYR A 21 2.29 -15.86 8.78
CA TYR A 21 2.24 -15.14 10.06
C TYR A 21 3.55 -15.31 10.82
N ARG A 22 4.37 -16.26 10.39
CA ARG A 22 5.66 -16.54 11.02
C ARG A 22 6.54 -15.29 11.00
N VAL A 23 6.69 -14.74 9.80
CA VAL A 23 7.50 -13.54 9.51
C VAL A 23 8.74 -13.47 10.41
N LYS A 24 9.59 -14.49 10.29
CA LYS A 24 10.81 -14.57 11.07
C LYS A 24 11.96 -15.05 10.19
N LYS A 25 13.11 -14.39 10.35
CA LYS A 25 14.34 -14.70 9.60
C LYS A 25 14.24 -14.24 8.14
N VAL A 26 13.01 -14.05 7.66
CA VAL A 26 12.73 -13.60 6.28
C VAL A 26 13.32 -14.54 5.23
N SER A 27 13.78 -15.68 5.67
CA SER A 27 14.38 -16.72 4.82
C SER A 27 13.38 -17.41 3.88
N GLU A 28 12.30 -16.68 3.57
CA GLU A 28 11.25 -17.20 2.69
C GLU A 28 11.23 -16.49 1.32
N GLU A 29 11.12 -15.16 1.37
CA GLU A 29 11.02 -14.38 0.15
C GLU A 29 12.17 -13.37 0.04
N ALA A 30 13.02 -13.35 1.06
CA ALA A 30 14.17 -12.45 1.10
C ALA A 30 13.73 -10.99 1.18
N LEU A 31 14.70 -10.12 1.33
CA LEU A 31 14.43 -8.69 1.41
C LEU A 31 15.14 -7.95 0.29
N MET A 32 14.56 -7.96 -0.89
CA MET A 32 15.15 -7.28 -2.03
C MET A 32 14.12 -6.37 -2.71
N GLN A 33 13.00 -6.15 -2.04
CA GLN A 33 11.93 -5.32 -2.60
C GLN A 33 10.76 -5.16 -1.63
N MET A 34 10.51 -6.19 -0.85
CA MET A 34 9.40 -6.16 0.10
C MET A 34 9.76 -5.34 1.34
N PRO A 35 8.74 -4.71 1.98
CA PRO A 35 8.94 -3.92 3.20
C PRO A 35 9.63 -4.74 4.29
N ILE A 36 10.72 -4.22 4.80
CA ILE A 36 11.50 -4.93 5.82
C ILE A 36 10.80 -4.88 7.18
N GLY A 37 9.97 -3.89 7.40
CA GLY A 37 9.30 -3.78 8.67
C GLY A 37 7.87 -3.30 8.53
N ILE A 38 6.90 -4.02 9.08
CA ILE A 38 5.50 -3.61 8.95
C ILE A 38 4.82 -3.53 10.32
N LEU A 39 3.90 -2.57 10.48
CA LEU A 39 3.18 -2.38 11.74
C LEU A 39 1.70 -2.11 11.48
N LEU A 40 0.83 -2.83 12.19
CA LEU A 40 -0.62 -2.69 12.06
C LEU A 40 -1.26 -2.52 13.46
N LEU A 41 -2.11 -1.52 13.62
CA LEU A 41 -2.71 -1.23 14.93
C LEU A 41 -4.23 -1.04 14.86
N ASP A 42 -4.76 -0.46 15.94
CA ASP A 42 -6.19 -0.22 16.08
C ASP A 42 -6.58 1.08 15.44
N GLU A 43 -7.74 1.58 15.82
CA GLU A 43 -8.21 2.85 15.33
C GLU A 43 -8.24 3.79 16.50
N GLU A 44 -7.62 3.33 17.62
CA GLU A 44 -7.62 4.16 18.88
C GLU A 44 -6.25 4.73 19.32
N ASP A 45 -5.30 3.79 19.45
CA ASP A 45 -3.96 4.24 19.92
C ASP A 45 -3.20 3.09 20.62
N LYS A 46 -3.30 1.93 19.96
CA LYS A 46 -2.57 0.74 20.40
C LYS A 46 -2.17 -0.13 19.21
N ILE A 47 -0.91 -0.59 19.23
CA ILE A 47 -0.37 -1.49 18.21
C ILE A 47 -0.89 -2.91 18.41
N GLU A 48 -1.42 -3.52 17.35
CA GLU A 48 -1.93 -4.88 17.43
C GLU A 48 -0.89 -5.90 16.97
N TRP A 49 -0.45 -5.81 15.71
CA TRP A 49 0.52 -6.77 15.18
C TRP A 49 1.56 -6.05 14.32
N SER A 50 2.74 -6.63 14.20
CA SER A 50 3.81 -6.07 13.39
C SER A 50 4.83 -7.14 12.99
N ASN A 51 5.54 -6.91 11.90
CA ASN A 51 6.58 -7.82 11.45
C ASN A 51 7.82 -7.53 12.26
N ARG A 52 8.27 -8.53 13.00
CA ARG A 52 9.42 -8.44 13.93
C ARG A 52 10.60 -7.68 13.37
N PHE A 53 11.03 -8.10 12.17
CA PHE A 53 12.16 -7.50 11.45
C PHE A 53 12.33 -6.01 11.74
N LEU A 54 11.23 -5.25 11.75
CA LEU A 54 11.30 -3.80 11.99
C LEU A 54 11.89 -3.47 13.35
N ALA A 55 11.31 -4.01 14.41
CA ALA A 55 11.81 -3.85 15.77
C ALA A 55 13.30 -4.18 15.88
N ALA A 56 13.69 -5.38 15.42
CA ALA A 56 15.08 -5.80 15.46
C ALA A 56 16.03 -4.77 14.85
N CYS A 57 15.71 -4.31 13.66
CA CYS A 57 16.53 -3.34 12.96
C CYS A 57 16.51 -2.00 13.69
N PHE A 58 15.37 -1.63 14.24
CA PHE A 58 15.24 -0.37 14.97
C PHE A 58 15.92 -0.43 16.33
N LYS A 59 16.44 -1.60 16.67
CA LYS A 59 17.15 -1.82 17.94
C LYS A 59 16.20 -1.69 19.12
N GLU A 60 15.17 -2.51 19.10
CA GLU A 60 14.19 -2.52 20.16
C GLU A 60 14.13 -3.90 20.82
N GLN A 61 13.30 -4.02 21.83
CA GLN A 61 13.11 -5.27 22.54
C GLN A 61 11.65 -5.69 22.49
N THR A 62 10.77 -4.70 22.63
CA THR A 62 9.34 -4.94 22.56
C THR A 62 8.67 -3.67 22.00
N LEU A 63 8.21 -3.81 20.75
CA LEU A 63 7.54 -2.70 20.05
C LEU A 63 6.04 -2.81 20.20
N ILE A 64 5.58 -4.00 20.55
CA ILE A 64 4.15 -4.22 20.71
C ILE A 64 3.62 -3.49 21.95
N GLY A 65 2.62 -2.65 21.75
CA GLY A 65 2.05 -1.90 22.86
C GLY A 65 2.79 -0.61 23.14
N ARG A 66 3.69 -0.27 22.23
CA ARG A 66 4.50 0.94 22.35
C ARG A 66 3.71 2.18 21.93
N SER A 67 2.38 2.06 21.93
CA SER A 67 1.51 3.15 21.56
C SER A 67 1.96 3.78 20.24
N LEU A 68 1.71 5.08 20.06
CA LEU A 68 2.10 5.79 18.84
C LEU A 68 3.13 6.89 19.12
N ALA A 69 2.82 7.73 20.11
CA ALA A 69 3.66 8.86 20.49
C ALA A 69 5.04 8.40 20.92
N GLU A 70 5.12 7.21 21.48
CA GLU A 70 6.38 6.65 21.92
C GLU A 70 7.30 6.40 20.71
N LEU A 71 6.73 5.83 19.64
CA LEU A 71 7.50 5.52 18.45
C LEU A 71 8.06 6.78 17.81
N SER A 72 7.18 7.76 17.59
CA SER A 72 7.55 9.02 16.97
C SER A 72 6.57 10.13 17.39
N GLU A 73 7.00 11.37 17.23
CA GLU A 73 6.14 12.52 17.56
C GLU A 73 5.29 13.00 16.37
N PRO A 74 5.88 13.23 15.17
CA PRO A 74 5.15 13.71 14.00
C PRO A 74 3.90 12.90 13.66
N LEU A 75 4.05 11.59 13.59
CA LEU A 75 2.93 10.72 13.22
C LEU A 75 1.92 10.60 14.35
N ALA A 76 2.30 11.00 15.55
CA ALA A 76 1.41 10.93 16.70
C ALA A 76 0.25 11.91 16.56
N ALA A 77 0.57 13.15 16.24
CA ALA A 77 -0.45 14.18 16.07
C ALA A 77 -1.28 13.91 14.82
N PHE A 78 -0.66 13.23 13.88
CA PHE A 78 -1.27 12.89 12.61
C PHE A 78 -2.30 11.74 12.75
N VAL A 79 -1.96 10.71 13.52
CA VAL A 79 -2.86 9.55 13.69
C VAL A 79 -4.13 9.92 14.47
N LYS A 80 -4.07 11.03 15.21
CA LYS A 80 -5.22 11.45 15.99
C LYS A 80 -6.08 12.42 15.18
N LYS A 81 -5.57 12.80 14.01
CA LYS A 81 -6.31 13.72 13.16
C LYS A 81 -6.86 13.05 11.91
N GLY A 82 -6.01 12.31 11.20
CA GLY A 82 -6.47 11.62 10.00
C GLY A 82 -7.02 12.54 8.93
N LYS A 83 -6.32 13.65 8.61
CA LYS A 83 -6.76 14.57 7.58
C LYS A 83 -5.91 14.41 6.31
N THR A 84 -5.39 13.22 6.11
CA THR A 84 -4.56 12.92 4.95
C THR A 84 -4.58 11.43 4.69
N ASP A 85 -3.85 10.98 3.70
CA ASP A 85 -3.82 9.57 3.36
C ASP A 85 -2.54 8.92 3.84
N GLU A 86 -1.40 9.34 3.29
CA GLU A 86 -0.13 8.75 3.66
C GLU A 86 0.99 9.78 3.75
N GLU A 87 2.09 9.34 4.34
CA GLU A 87 3.29 10.16 4.50
C GLU A 87 4.52 9.25 4.63
N ILE A 88 5.64 9.66 4.07
CA ILE A 88 6.87 8.86 4.17
C ILE A 88 7.98 9.63 4.87
N ILE A 89 8.13 9.43 6.17
CA ILE A 89 9.19 10.09 6.92
C ILE A 89 10.44 9.22 6.86
N GLU A 90 11.42 9.52 7.68
CA GLU A 90 12.64 8.76 7.69
C GLU A 90 13.02 8.36 9.12
N LEU A 91 13.34 7.10 9.30
CA LEU A 91 13.72 6.58 10.61
C LEU A 91 14.61 5.37 10.45
N ASN A 92 15.66 5.30 11.28
CA ASN A 92 16.60 4.18 11.26
C ASN A 92 17.35 4.12 9.93
N GLY A 93 17.26 5.20 9.15
CA GLY A 93 17.95 5.28 7.87
C GLY A 93 17.07 4.93 6.71
N LYS A 94 15.88 4.45 6.99
CA LYS A 94 14.96 4.05 5.95
C LYS A 94 13.74 4.95 5.97
N GLN A 95 12.92 4.89 4.91
CA GLN A 95 11.74 5.72 4.92
C GLN A 95 10.66 5.02 5.74
N LEU A 96 9.81 5.77 6.37
CA LEU A 96 8.72 5.19 7.12
C LEU A 96 7.41 5.61 6.49
N LYS A 97 6.80 4.65 5.81
CA LYS A 97 5.55 4.87 5.13
C LYS A 97 4.38 4.68 6.07
N VAL A 98 3.60 5.73 6.24
CA VAL A 98 2.42 5.66 7.08
C VAL A 98 1.22 5.79 6.16
N ILE A 99 0.17 5.02 6.42
CA ILE A 99 -1.02 5.03 5.57
C ILE A 99 -2.28 4.91 6.39
N VAL A 100 -3.19 5.88 6.25
CA VAL A 100 -4.47 5.87 6.94
C VAL A 100 -5.55 6.30 5.97
N HIS A 101 -6.76 5.83 6.19
CA HIS A 101 -7.89 6.15 5.32
C HIS A 101 -8.94 6.92 6.13
N ARG A 102 -10.23 6.58 5.92
CA ARG A 102 -11.20 7.23 6.80
C ARG A 102 -12.22 6.22 7.38
N HIS A 103 -11.81 4.95 7.32
CA HIS A 103 -12.48 3.84 7.98
C HIS A 103 -11.55 3.22 9.00
N GLU A 104 -10.34 3.77 8.96
CA GLU A 104 -9.22 3.24 9.73
C GLU A 104 -9.22 1.72 9.99
N ARG A 105 -9.54 0.98 8.91
CA ARG A 105 -9.48 -0.46 8.97
C ARG A 105 -8.21 -0.99 8.30
N LEU A 106 -7.74 -0.26 7.30
CA LEU A 106 -6.53 -0.60 6.55
C LEU A 106 -5.38 0.35 6.88
N LEU A 107 -5.42 0.91 8.09
CA LEU A 107 -4.39 1.86 8.49
C LEU A 107 -3.12 1.10 8.97
N TYR A 108 -1.97 1.42 8.39
CA TYR A 108 -0.74 0.75 8.77
C TYR A 108 0.49 1.54 8.34
N PHE A 109 1.63 1.21 8.93
CA PHE A 109 2.88 1.88 8.60
C PHE A 109 3.97 0.85 8.45
N PHE A 110 4.87 1.07 7.50
CA PHE A 110 5.96 0.14 7.29
C PHE A 110 7.23 0.89 6.91
N ASP A 111 8.33 0.16 6.92
CA ASP A 111 9.63 0.70 6.59
C ASP A 111 9.84 0.62 5.10
N VAL A 112 10.60 1.57 4.59
CA VAL A 112 10.89 1.62 3.17
C VAL A 112 12.27 2.22 2.86
N THR A 113 13.33 1.58 3.36
CA THR A 113 14.72 1.94 3.05
C THR A 113 14.89 3.28 2.28
N ARG B 1 7.23 -4.03 -23.37
CA ARG B 1 8.09 -5.20 -23.61
C ARG B 1 8.42 -5.85 -22.28
N GLY B 2 9.07 -5.10 -21.39
CA GLY B 2 9.43 -5.62 -20.09
C GLY B 2 8.24 -5.69 -19.17
N SER B 3 7.34 -6.61 -19.46
CA SER B 3 6.14 -6.77 -18.67
C SER B 3 6.41 -7.59 -17.44
N HIS B 4 6.79 -6.92 -16.36
CA HIS B 4 7.08 -7.60 -15.09
C HIS B 4 5.85 -8.30 -14.56
N MET B 5 4.70 -7.63 -14.71
CA MET B 5 3.43 -8.15 -14.25
C MET B 5 3.18 -9.59 -14.71
N ARG B 6 3.63 -9.92 -15.93
CA ARG B 6 3.46 -11.26 -16.48
C ARG B 6 4.79 -11.94 -16.70
N SER B 7 5.84 -11.39 -16.12
CA SER B 7 7.17 -11.94 -16.25
C SER B 7 7.39 -12.99 -15.16
N LEU B 8 6.49 -12.98 -14.17
CA LEU B 8 6.55 -13.90 -13.06
C LEU B 8 5.22 -14.64 -12.86
N HIS B 9 4.12 -13.88 -13.07
CA HIS B 9 2.75 -14.37 -12.91
C HIS B 9 2.39 -14.58 -11.43
N LYS B 10 3.11 -15.47 -10.77
CA LYS B 10 2.87 -15.78 -9.35
C LYS B 10 2.79 -14.52 -8.50
N GLU B 11 3.68 -13.57 -8.79
CA GLU B 11 3.74 -12.32 -8.03
C GLU B 11 2.44 -11.54 -8.15
N LEU B 12 1.99 -11.32 -9.39
CA LEU B 12 0.74 -10.62 -9.63
C LEU B 12 -0.43 -11.43 -9.07
N GLN B 13 -0.35 -12.76 -9.22
CA GLN B 13 -1.39 -13.66 -8.74
C GLN B 13 -1.48 -13.64 -7.21
N GLN B 14 -0.41 -13.18 -6.56
CA GLN B 14 -0.36 -13.13 -5.10
C GLN B 14 -1.12 -11.92 -4.58
N TYR B 15 -0.88 -10.78 -5.18
CA TYR B 15 -1.57 -9.54 -4.79
C TYR B 15 -3.08 -9.63 -5.02
N ILE B 16 -3.46 -10.13 -6.19
CA ILE B 16 -4.87 -10.26 -6.56
C ILE B 16 -5.49 -11.56 -6.04
N SER B 17 -5.15 -11.92 -4.81
CA SER B 17 -5.67 -13.13 -4.20
C SER B 17 -7.09 -12.89 -3.69
N ASN B 18 -7.21 -12.57 -2.40
CA ASN B 18 -8.48 -12.27 -1.72
C ASN B 18 -9.53 -11.55 -2.60
N LEU B 19 -9.18 -10.41 -3.17
CA LEU B 19 -10.13 -9.69 -4.03
C LEU B 19 -10.31 -10.40 -5.37
N SER B 20 -11.55 -10.36 -5.87
CA SER B 20 -11.91 -11.00 -7.13
C SER B 20 -11.31 -10.31 -8.35
N TYR B 21 -11.10 -11.08 -9.40
CA TYR B 21 -10.55 -10.58 -10.65
C TYR B 21 -11.63 -9.89 -11.48
N ARG B 22 -12.89 -10.16 -11.15
CA ARG B 22 -14.02 -9.57 -11.88
C ARG B 22 -14.04 -8.05 -11.74
N VAL B 23 -13.77 -7.59 -10.49
CA VAL B 23 -13.74 -6.17 -10.12
C VAL B 23 -14.80 -5.34 -10.84
N LYS B 24 -16.03 -5.82 -10.85
CA LYS B 24 -17.09 -5.11 -11.54
C LYS B 24 -18.30 -4.87 -10.64
N LYS B 25 -18.90 -3.69 -10.77
CA LYS B 25 -20.08 -3.29 -10.00
C LYS B 25 -19.76 -3.01 -8.53
N VAL B 26 -18.61 -3.51 -8.07
CA VAL B 26 -18.12 -3.32 -6.69
C VAL B 26 -19.13 -3.78 -5.62
N SER B 27 -20.19 -4.45 -6.06
CA SER B 27 -21.25 -4.96 -5.19
C SER B 27 -20.82 -6.17 -4.36
N GLU B 28 -19.52 -6.29 -4.18
CA GLU B 28 -18.96 -7.39 -3.42
C GLU B 28 -18.52 -6.94 -2.01
N GLU B 29 -17.69 -5.91 -1.96
CA GLU B 29 -17.18 -5.41 -0.68
C GLU B 29 -17.56 -3.96 -0.45
N ALA B 30 -18.12 -3.32 -1.49
CA ALA B 30 -18.55 -1.92 -1.43
C ALA B 30 -17.37 -0.96 -1.41
N LEU B 31 -17.68 0.33 -1.59
CA LEU B 31 -16.68 1.38 -1.58
C LEU B 31 -16.83 2.27 -0.35
N MET B 32 -16.48 1.75 0.81
CA MET B 32 -16.58 2.53 2.04
C MET B 32 -15.24 2.59 2.78
N GLN B 33 -14.16 2.24 2.07
CA GLN B 33 -12.80 2.25 2.66
C GLN B 33 -11.75 1.74 1.69
N MET B 34 -12.16 1.01 0.66
CA MET B 34 -11.24 0.45 -0.32
C MET B 34 -11.08 1.37 -1.52
N PRO B 35 -9.86 1.44 -2.11
CA PRO B 35 -9.61 2.28 -3.28
C PRO B 35 -10.62 2.01 -4.39
N ILE B 36 -11.22 3.09 -4.89
CA ILE B 36 -12.24 2.99 -5.93
C ILE B 36 -11.62 2.61 -7.28
N GLY B 37 -10.34 2.88 -7.44
CA GLY B 37 -9.68 2.60 -8.70
C GLY B 37 -8.24 2.22 -8.51
N ILE B 38 -7.82 1.17 -9.20
CA ILE B 38 -6.44 0.69 -9.09
C ILE B 38 -5.82 0.45 -10.47
N LEU B 39 -4.50 0.65 -10.59
CA LEU B 39 -3.79 0.46 -11.84
C LEU B 39 -2.41 -0.17 -11.60
N LEU B 40 -2.11 -1.23 -12.35
CA LEU B 40 -0.84 -1.95 -12.23
C LEU B 40 -0.23 -2.08 -13.63
N LEU B 41 1.06 -1.80 -13.74
CA LEU B 41 1.75 -1.83 -15.03
C LEU B 41 3.07 -2.59 -14.97
N ASP B 42 3.87 -2.38 -16.01
CA ASP B 42 5.18 -3.01 -16.15
C ASP B 42 6.25 -2.15 -15.47
N GLU B 43 7.50 -2.34 -15.86
CA GLU B 43 8.59 -1.57 -15.33
C GLU B 43 9.16 -0.75 -16.46
N GLU B 44 8.42 -0.74 -17.58
CA GLU B 44 8.93 -0.02 -18.79
C GLU B 44 8.14 1.27 -19.17
N ASP B 45 6.82 1.04 -19.33
CA ASP B 45 6.01 2.23 -19.69
C ASP B 45 4.70 1.81 -20.41
N LYS B 46 4.13 0.74 -19.85
CA LYS B 46 2.85 0.27 -20.33
C LYS B 46 2.01 -0.34 -19.21
N ILE B 47 0.72 -0.01 -19.23
CA ILE B 47 -0.21 -0.51 -18.24
C ILE B 47 -0.62 -1.93 -18.56
N GLU B 48 -0.62 -2.79 -17.55
CA GLU B 48 -0.98 -4.18 -17.75
C GLU B 48 -2.43 -4.47 -17.34
N TRP B 49 -2.78 -4.17 -16.09
CA TRP B 49 -4.15 -4.40 -15.62
C TRP B 49 -4.59 -3.29 -14.68
N SER B 50 -5.89 -3.05 -14.61
CA SER B 50 -6.42 -2.02 -13.73
C SER B 50 -7.85 -2.33 -13.34
N ASN B 51 -8.27 -1.83 -12.19
CA ASN B 51 -9.64 -2.02 -11.73
C ASN B 51 -10.51 -1.03 -12.47
N ARG B 52 -11.42 -1.57 -13.30
CA ARG B 52 -12.29 -0.80 -14.19
C ARG B 52 -12.86 0.49 -13.60
N PHE B 53 -13.47 0.39 -12.41
CA PHE B 53 -14.08 1.53 -11.70
C PHE B 53 -13.35 2.85 -11.94
N LEU B 54 -12.01 2.83 -11.91
CA LEU B 54 -11.25 4.09 -12.09
C LEU B 54 -11.53 4.77 -13.42
N ALA B 55 -11.30 4.04 -14.52
CA ALA B 55 -11.60 4.52 -15.87
C ALA B 55 -13.00 5.10 -15.98
N ALA B 56 -14.00 4.33 -15.58
CA ALA B 56 -15.39 4.79 -15.63
C ALA B 56 -15.57 6.14 -14.94
N CYS B 57 -15.13 6.22 -13.70
CA CYS B 57 -15.26 7.45 -12.92
C CYS B 57 -14.46 8.61 -13.54
N PHE B 58 -13.29 8.31 -14.10
CA PHE B 58 -12.44 9.34 -14.75
C PHE B 58 -13.01 9.75 -16.10
N LYS B 59 -14.02 9.00 -16.55
CA LYS B 59 -14.69 9.25 -17.83
C LYS B 59 -13.84 8.85 -19.02
N GLU B 60 -13.54 7.57 -19.08
CA GLU B 60 -12.75 7.04 -20.16
C GLU B 60 -13.50 5.91 -20.88
N GLN B 61 -12.88 5.39 -21.92
CA GLN B 61 -13.43 4.30 -22.70
C GLN B 61 -12.49 3.11 -22.64
N THR B 62 -11.20 3.40 -22.67
CA THR B 62 -10.20 2.37 -22.61
C THR B 62 -8.92 2.98 -22.01
N LEU B 63 -8.56 2.50 -20.84
CA LEU B 63 -7.37 3.00 -20.15
C LEU B 63 -6.21 2.05 -20.34
N ILE B 64 -6.49 0.85 -20.82
CA ILE B 64 -5.45 -0.13 -21.03
C ILE B 64 -4.56 0.28 -22.21
N GLY B 65 -3.27 0.43 -21.93
CA GLY B 65 -2.35 0.80 -22.98
C GLY B 65 -2.20 2.29 -23.13
N ARG B 66 -2.79 3.03 -22.20
CA ARG B 66 -2.73 4.48 -22.25
C ARG B 66 -1.41 5.04 -21.68
N SER B 67 -0.36 4.22 -21.75
CA SER B 67 0.98 4.59 -21.27
C SER B 67 0.93 5.31 -19.91
N LEU B 68 1.88 6.21 -19.67
CA LEU B 68 1.94 6.98 -18.42
C LEU B 68 1.68 8.47 -18.67
N ALA B 69 2.46 9.03 -19.59
CA ALA B 69 2.37 10.44 -19.95
C ALA B 69 0.96 10.81 -20.40
N GLU B 70 0.28 9.88 -21.04
CA GLU B 70 -1.08 10.13 -21.50
C GLU B 70 -2.00 10.36 -20.32
N LEU B 71 -1.85 9.53 -19.30
CA LEU B 71 -2.65 9.66 -18.09
C LEU B 71 -2.35 10.99 -17.40
N SER B 72 -1.07 11.25 -17.17
CA SER B 72 -0.64 12.46 -16.49
C SER B 72 0.81 12.81 -16.82
N GLU B 73 1.17 14.06 -16.61
CA GLU B 73 2.52 14.54 -16.85
C GLU B 73 3.44 14.44 -15.61
N PRO B 74 3.01 14.92 -14.40
CA PRO B 74 3.86 14.88 -13.21
C PRO B 74 4.43 13.49 -12.93
N LEU B 75 3.56 12.50 -12.88
CA LEU B 75 4.00 11.14 -12.62
C LEU B 75 4.76 10.55 -13.80
N ALA B 76 4.65 11.18 -14.97
CA ALA B 76 5.30 10.68 -16.16
C ALA B 76 6.82 10.74 -16.02
N ALA B 77 7.32 11.85 -15.54
CA ALA B 77 8.75 12.03 -15.36
C ALA B 77 9.25 11.25 -14.13
N PHE B 78 8.37 11.11 -13.14
CA PHE B 78 8.71 10.42 -11.91
C PHE B 78 8.85 8.91 -12.13
N VAL B 79 8.01 8.32 -12.98
CA VAL B 79 8.08 6.88 -13.23
C VAL B 79 9.36 6.49 -13.99
N LYS B 80 9.94 7.44 -14.72
CA LYS B 80 11.16 7.17 -15.46
C LYS B 80 12.36 7.42 -14.57
N LYS B 81 12.10 8.00 -13.40
CA LYS B 81 13.20 8.27 -12.47
C LYS B 81 13.24 7.24 -11.35
N GLY B 82 12.09 7.02 -10.69
CA GLY B 82 12.02 6.06 -9.61
C GLY B 82 13.01 6.37 -8.49
N LYS B 83 13.07 7.63 -8.09
CA LYS B 83 14.00 8.05 -7.03
C LYS B 83 13.26 8.38 -5.74
N THR B 84 12.03 7.91 -5.64
CA THR B 84 11.21 8.13 -4.45
C THR B 84 10.36 6.88 -4.22
N ASP B 85 9.55 6.88 -3.18
CA ASP B 85 8.72 5.72 -2.88
C ASP B 85 7.29 5.92 -3.37
N GLU B 86 6.59 6.88 -2.80
CA GLU B 86 5.22 7.13 -3.20
C GLU B 86 4.89 8.62 -3.22
N GLU B 87 3.71 8.91 -3.77
CA GLU B 87 3.20 10.27 -3.88
C GLU B 87 1.68 10.25 -4.02
N ILE B 88 1.00 11.19 -3.41
CA ILE B 88 -0.45 11.30 -3.51
C ILE B 88 -0.87 12.64 -4.10
N ILE B 89 -1.04 12.67 -5.40
CA ILE B 89 -1.48 13.89 -6.08
C ILE B 89 -3.01 13.92 -6.08
N GLU B 90 -3.63 14.75 -6.92
CA GLU B 90 -5.10 14.82 -6.96
C GLU B 90 -5.59 14.81 -8.39
N LEU B 91 -6.57 13.95 -8.66
CA LEU B 91 -7.17 13.82 -9.99
C LEU B 91 -8.62 13.34 -9.87
N ASN B 92 -9.51 13.92 -10.67
CA ASN B 92 -10.93 13.56 -10.68
C ASN B 92 -11.61 13.89 -9.34
N GLY B 93 -10.96 14.75 -8.56
CA GLY B 93 -11.49 15.14 -7.27
C GLY B 93 -10.98 14.27 -6.11
N LYS B 94 -10.27 13.19 -6.43
CA LYS B 94 -9.76 12.27 -5.44
C LYS B 94 -8.24 12.29 -5.45
N GLN B 95 -7.60 11.77 -4.39
CA GLN B 95 -6.15 11.74 -4.39
C GLN B 95 -5.67 10.61 -5.29
N LEU B 96 -4.51 10.75 -5.89
CA LEU B 96 -3.97 9.69 -6.74
C LEU B 96 -2.68 9.22 -6.12
N LYS B 97 -2.74 8.04 -5.54
CA LYS B 97 -1.61 7.44 -4.87
C LYS B 97 -0.76 6.64 -5.83
N VAL B 98 0.49 7.07 -5.95
CA VAL B 98 1.45 6.39 -6.78
C VAL B 98 2.46 5.73 -5.86
N ILE B 99 2.89 4.53 -6.21
CA ILE B 99 3.83 3.80 -5.36
C ILE B 99 4.82 3.00 -6.20
N VAL B 100 6.11 3.26 -5.99
CA VAL B 100 7.17 2.56 -6.68
C VAL B 100 8.29 2.28 -5.68
N HIS B 101 9.09 1.29 -5.93
CA HIS B 101 10.17 0.91 -5.02
C HIS B 101 11.49 0.92 -5.78
N ARG B 102 12.30 -0.16 -5.61
CA ARG B 102 13.48 -0.18 -6.46
C ARG B 102 13.67 -1.54 -7.18
N HIS B 103 12.56 -2.29 -7.25
CA HIS B 103 12.46 -3.53 -8.03
C HIS B 103 11.35 -3.42 -9.07
N GLU B 104 10.65 -2.29 -9.00
CA GLU B 104 9.42 -2.07 -9.77
C GLU B 104 8.61 -3.34 -10.13
N ARG B 105 8.44 -4.19 -9.10
CA ARG B 105 7.60 -5.38 -9.23
C ARG B 105 6.21 -5.14 -8.59
N LEU B 106 6.23 -4.37 -7.51
CA LEU B 106 5.05 -4.01 -6.75
C LEU B 106 4.65 -2.55 -6.97
N LEU B 107 5.05 -2.05 -8.14
CA LEU B 107 4.79 -0.66 -8.48
C LEU B 107 3.34 -0.50 -8.97
N TYR B 108 2.59 0.39 -8.38
CA TYR B 108 1.21 0.59 -8.78
C TYR B 108 0.68 1.93 -8.32
N PHE B 109 -0.43 2.35 -8.88
CA PHE B 109 -1.05 3.60 -8.52
C PHE B 109 -2.54 3.39 -8.38
N PHE B 110 -3.16 4.08 -7.44
CA PHE B 110 -4.59 3.93 -7.25
C PHE B 110 -5.20 5.23 -6.77
N ASP B 111 -6.53 5.29 -6.78
CA ASP B 111 -7.28 6.47 -6.39
C ASP B 111 -7.52 6.48 -4.88
N VAL B 112 -7.62 7.68 -4.30
CA VAL B 112 -7.85 7.81 -2.87
C VAL B 112 -8.67 9.06 -2.51
N THR B 113 -9.90 9.15 -3.05
CA THR B 113 -10.87 10.21 -2.71
C THR B 113 -10.29 11.38 -1.88
#